data_2QB5
#
_entry.id   2QB5
#
_cell.length_a   62.704
_cell.length_b   94.315
_cell.length_c   130.242
_cell.angle_alpha   90.00
_cell.angle_beta   90.00
_cell.angle_gamma   90.00
#
_symmetry.space_group_name_H-M   'P 21 21 21'
#
loop_
_entity.id
_entity.type
_entity.pdbx_description
1 polymer 'Inositol-tetrakisphosphate 1-kinase'
2 non-polymer 'SULFATE ION'
3 non-polymer 'MANGANESE (II) ION'
4 non-polymer "ADENOSINE-5'-DIPHOSPHATE"
5 water water
#
_entity_poly.entity_id   1
_entity_poly.type   'polypeptide(L)'
_entity_poly.pdbx_seq_one_letter_code
;MGSDKIHHHHHHMQTFLKGKRVGYWLSEKKIKKLNFQAFAELCRKRGMEVVQLNLSRPIEEQGPLDVIIHKLTDVILEAD
QNDSQSLELVHRFQEYIDAHPETIVLDPLPAIRTLLDRSKSYELIRKIEAYMEDDRICSPPFMELTSLCGDDTMRLLEKN
GLTFPFICKTRVAHGTNSHEMAIVFNQEGLNAIQPPCVVQNFINHNAVLYKVFVVGESYTVVQRPSLKNFSAGTSDRESI
FFNSHNVSKPESSSVLTELDKIEGVFERPSDEVIRELSRALRQALGVSLFGIDIIINNQTGQHAVIDINAFPGYEGVSEF
FTDLLNHIATVLQGQSTAMAATGDVAL
;
_entity_poly.pdbx_strand_id   A,B
#
loop_
_chem_comp.id
_chem_comp.type
_chem_comp.name
_chem_comp.formula
ADP non-polymer ADENOSINE-5'-DIPHOSPHATE 'C10 H15 N5 O10 P2'
MN non-polymer 'MANGANESE (II) ION' 'Mn 2'
SO4 non-polymer 'SULFATE ION' 'O4 S -2'
#
# COMPACT_ATOMS: atom_id res chain seq x y z
N LYS A 5 15.01 -10.91 -13.63
CA LYS A 5 14.95 -10.87 -12.13
C LYS A 5 14.63 -9.46 -11.61
N ILE A 6 14.74 -8.45 -12.48
CA ILE A 6 14.00 -7.19 -12.31
C ILE A 6 12.73 -7.40 -13.14
N HIS A 7 11.60 -7.41 -12.45
CA HIS A 7 10.34 -7.75 -13.12
C HIS A 7 9.45 -6.55 -13.36
N HIS A 8 9.76 -5.45 -12.67
CA HIS A 8 8.99 -4.22 -12.76
C HIS A 8 9.64 -3.32 -13.79
N HIS A 9 8.84 -2.91 -14.76
CA HIS A 9 9.38 -2.12 -15.86
C HIS A 9 8.59 -0.84 -16.00
N HIS A 10 9.04 0.05 -16.88
CA HIS A 10 8.37 1.34 -16.96
C HIS A 10 8.17 1.79 -18.39
N HIS A 11 8.60 0.96 -19.34
CA HIS A 11 8.54 1.40 -20.74
C HIS A 11 7.14 1.83 -21.15
N HIS A 12 6.13 1.10 -20.68
CA HIS A 12 4.79 1.37 -21.11
C HIS A 12 4.23 2.62 -20.47
N MET A 13 4.47 2.79 -19.18
CA MET A 13 3.97 4.01 -18.55
C MET A 13 4.77 5.22 -18.97
N GLN A 14 6.04 5.04 -19.35
CA GLN A 14 6.81 6.17 -19.92
C GLN A 14 6.24 6.75 -21.23
N THR A 15 5.49 5.93 -21.96
CA THR A 15 4.94 6.41 -23.24
C THR A 15 4.00 7.58 -23.03
N PHE A 16 3.45 7.69 -21.83
CA PHE A 16 2.41 8.70 -21.52
C PHE A 16 2.99 10.03 -21.02
N LEU A 17 4.32 10.13 -20.97
CA LEU A 17 5.01 11.34 -20.51
C LEU A 17 5.00 12.45 -21.55
N LYS A 18 4.99 12.09 -22.84
CA LYS A 18 4.93 13.11 -23.90
C LYS A 18 3.79 14.11 -23.67
N GLY A 19 4.13 15.40 -23.73
CA GLY A 19 3.13 16.46 -23.63
C GLY A 19 2.79 16.89 -22.20
N LYS A 20 3.26 16.13 -21.22
CA LYS A 20 3.02 16.45 -19.79
C LYS A 20 3.91 17.59 -19.36
N ARG A 21 3.46 18.36 -18.36
CA ARG A 21 4.17 19.54 -17.91
C ARG A 21 4.48 19.36 -16.45
N VAL A 22 5.76 19.47 -16.12
CA VAL A 22 6.22 19.37 -14.73
C VAL A 22 6.77 20.72 -14.25
N GLY A 23 6.19 21.26 -13.19
CA GLY A 23 6.76 22.47 -12.58
C GLY A 23 7.67 22.00 -11.44
N TYR A 24 8.75 22.70 -11.18
CA TYR A 24 9.53 22.43 -9.97
C TYR A 24 9.92 23.68 -9.21
N TRP A 25 9.96 23.57 -7.89
CA TRP A 25 10.52 24.64 -7.07
C TRP A 25 11.63 24.04 -6.22
N LEU A 26 12.85 24.53 -6.40
CA LEU A 26 13.99 24.05 -5.59
C LEU A 26 14.87 25.26 -5.35
N SER A 27 15.62 25.27 -4.25
CA SER A 27 16.45 26.42 -3.97
C SER A 27 17.54 26.40 -5.04
N GLU A 28 18.16 27.55 -5.31
N GLU A 28 18.17 27.54 -5.32
CA GLU A 28 19.26 27.56 -6.31
CA GLU A 28 19.24 27.50 -6.33
C GLU A 28 20.38 26.61 -5.86
C GLU A 28 20.38 26.60 -5.87
N LYS A 29 20.60 26.56 -4.55
CA LYS A 29 21.64 25.69 -3.97
C LYS A 29 21.32 24.23 -4.28
N LYS A 30 20.07 23.83 -4.08
CA LYS A 30 19.69 22.44 -4.36
C LYS A 30 19.70 22.06 -5.86
N ILE A 31 19.23 22.98 -6.71
CA ILE A 31 19.35 22.82 -8.16
C ILE A 31 20.78 22.52 -8.57
N LYS A 32 21.73 23.28 -8.03
CA LYS A 32 23.16 23.08 -8.32
C LYS A 32 23.63 21.72 -7.82
N LYS A 33 23.34 21.39 -6.55
CA LYS A 33 23.78 20.13 -5.95
C LYS A 33 23.24 18.90 -6.67
N LEU A 34 21.98 18.94 -7.07
CA LEU A 34 21.35 17.83 -7.79
C LEU A 34 21.71 17.84 -9.26
N ASN A 35 22.24 18.97 -9.76
CA ASN A 35 22.40 19.19 -11.21
C ASN A 35 21.04 18.99 -11.87
N PHE A 36 20.03 19.66 -11.32
CA PHE A 36 18.66 19.40 -11.72
C PHE A 36 18.44 19.71 -13.18
N GLN A 37 19.35 20.48 -13.78
CA GLN A 37 19.30 20.76 -15.23
C GLN A 37 19.37 19.52 -16.12
N ALA A 38 20.23 18.57 -15.74
CA ALA A 38 20.33 17.29 -16.44
C ALA A 38 19.04 16.51 -16.38
N PHE A 39 18.33 16.54 -15.25
CA PHE A 39 17.06 15.85 -15.17
C PHE A 39 16.03 16.48 -16.11
N ALA A 40 16.05 17.80 -16.18
CA ALA A 40 15.10 18.51 -17.04
C ALA A 40 15.32 18.17 -18.52
N GLU A 41 16.58 18.00 -18.92
CA GLU A 41 16.92 17.54 -20.25
C GLU A 41 16.40 16.10 -20.54
N LEU A 42 16.54 15.21 -19.57
CA LEU A 42 16.04 13.85 -19.66
C LEU A 42 14.53 13.82 -19.96
N CYS A 43 13.78 14.66 -19.25
CA CYS A 43 12.32 14.72 -19.41
C CYS A 43 11.92 15.16 -20.80
N ARG A 44 12.58 16.19 -21.33
CA ARG A 44 12.32 16.65 -22.71
C ARG A 44 12.40 15.53 -23.77
N LYS A 45 13.43 14.69 -23.66
CA LYS A 45 13.63 13.51 -24.53
C LYS A 45 12.46 12.54 -24.51
N ARG A 46 11.67 12.59 -23.44
CA ARG A 46 10.46 11.78 -23.36
C ARG A 46 9.25 12.61 -23.74
N GLY A 47 9.50 13.84 -24.18
CA GLY A 47 8.45 14.74 -24.64
C GLY A 47 7.74 15.53 -23.55
N MET A 48 8.37 15.62 -22.37
CA MET A 48 7.84 16.39 -21.24
C MET A 48 8.30 17.83 -21.30
N GLU A 49 7.47 18.72 -20.79
CA GLU A 49 7.89 20.09 -20.57
C GLU A 49 8.22 20.21 -19.07
N VAL A 50 9.41 20.72 -18.75
CA VAL A 50 9.79 20.98 -17.36
C VAL A 50 9.98 22.47 -17.24
N VAL A 51 9.54 23.04 -16.12
CA VAL A 51 9.70 24.45 -15.94
C VAL A 51 9.94 24.73 -14.47
N GLN A 52 10.92 25.58 -14.20
CA GLN A 52 11.12 26.08 -12.87
C GLN A 52 10.04 27.07 -12.48
N LEU A 53 9.40 26.84 -11.33
CA LEU A 53 8.33 27.72 -10.87
C LEU A 53 8.90 28.94 -10.16
N ASN A 54 8.24 30.07 -10.35
CA ASN A 54 8.55 31.31 -9.64
C ASN A 54 7.33 31.60 -8.74
N LEU A 55 7.50 31.31 -7.47
CA LEU A 55 6.42 31.42 -6.50
C LEU A 55 6.06 32.85 -6.13
N SER A 56 6.87 33.81 -6.58
CA SER A 56 6.53 35.24 -6.42
C SER A 56 5.53 35.76 -7.47
N ARG A 57 5.24 34.94 -8.48
CA ARG A 57 4.31 35.35 -9.52
C ARG A 57 3.12 34.43 -9.41
N PRO A 58 1.93 34.85 -9.91
CA PRO A 58 0.80 33.94 -9.94
C PRO A 58 1.19 32.62 -10.64
N ILE A 59 0.71 31.53 -10.09
CA ILE A 59 1.14 30.25 -10.58
C ILE A 59 0.28 29.83 -11.77
N GLU A 60 -0.93 30.39 -11.87
CA GLU A 60 -1.86 30.07 -12.96
C GLU A 60 -1.15 30.26 -14.30
N GLU A 61 -0.50 31.42 -14.46
CA GLU A 61 0.21 31.78 -15.70
C GLU A 61 1.31 30.81 -16.08
N GLN A 62 1.78 30.04 -15.11
CA GLN A 62 2.95 29.17 -15.27
C GLN A 62 2.51 27.76 -15.66
N GLY A 63 1.22 27.50 -15.48
CA GLY A 63 0.69 26.18 -15.79
C GLY A 63 0.10 26.18 -17.18
N PRO A 64 -0.74 25.19 -17.48
CA PRO A 64 -1.16 24.12 -16.59
C PRO A 64 0.00 23.23 -16.20
N LEU A 65 -0.12 22.57 -15.04
CA LEU A 65 0.93 21.70 -14.56
C LEU A 65 0.32 20.36 -14.22
N ASP A 66 0.97 19.31 -14.68
CA ASP A 66 0.49 17.95 -14.42
C ASP A 66 1.10 17.48 -13.13
N VAL A 67 2.35 17.91 -12.91
CA VAL A 67 3.11 17.52 -11.73
C VAL A 67 3.89 18.72 -11.22
N ILE A 68 4.00 18.84 -9.92
CA ILE A 68 4.94 19.79 -9.32
C ILE A 68 5.90 19.00 -8.45
N ILE A 69 7.20 19.20 -8.65
CA ILE A 69 8.21 18.57 -7.76
C ILE A 69 8.77 19.70 -6.94
N HIS A 70 8.94 19.56 -5.62
CA HIS A 70 9.52 20.69 -4.90
C HIS A 70 10.32 20.23 -3.71
N LYS A 71 11.17 21.13 -3.21
CA LYS A 71 11.59 21.04 -1.84
C LYS A 71 11.38 22.40 -1.15
N LEU A 72 10.16 22.60 -0.70
CA LEU A 72 9.80 23.84 -0.02
C LEU A 72 10.08 23.81 1.49
N THR A 73 10.61 22.69 1.96
CA THR A 73 10.90 22.49 3.39
C THR A 73 11.35 23.77 4.12
N ASP A 74 12.41 24.42 3.61
CA ASP A 74 12.96 25.58 4.29
C ASP A 74 12.06 26.81 4.21
N VAL A 75 11.37 26.99 3.09
CA VAL A 75 10.39 28.08 3.00
C VAL A 75 9.27 27.87 4.01
N ILE A 76 8.80 26.63 4.10
CA ILE A 76 7.76 26.29 5.08
C ILE A 76 8.25 26.60 6.52
N LEU A 77 9.49 26.25 6.80
CA LEU A 77 10.03 26.44 8.10
C LEU A 77 10.11 27.95 8.40
N GLU A 78 10.53 28.71 7.41
CA GLU A 78 10.61 30.18 7.59
C GLU A 78 9.23 30.81 7.72
N ALA A 79 8.28 30.32 6.94
CA ALA A 79 6.87 30.74 7.09
C ALA A 79 6.34 30.42 8.51
N ASP A 80 6.73 29.26 9.05
CA ASP A 80 6.44 28.86 10.45
C ASP A 80 7.00 29.85 11.46
N GLN A 81 8.13 30.46 11.10
CA GLN A 81 8.81 31.44 11.96
C GLN A 81 8.33 32.84 11.60
N ASN A 82 7.21 32.93 10.87
CA ASN A 82 6.53 34.18 10.55
C ASN A 82 7.27 35.10 9.60
N ASP A 83 8.13 34.48 8.77
CA ASP A 83 8.77 35.22 7.72
C ASP A 83 7.73 35.64 6.69
N SER A 84 7.55 36.94 6.50
CA SER A 84 6.48 37.45 5.66
C SER A 84 6.56 36.99 4.20
N GLN A 85 7.77 37.01 3.64
CA GLN A 85 7.93 36.61 2.24
C GLN A 85 7.61 35.12 2.07
N SER A 86 8.14 34.32 2.97
CA SER A 86 7.93 32.87 2.92
C SER A 86 6.45 32.58 3.11
N LEU A 87 5.79 33.29 4.01
CA LEU A 87 4.35 33.10 4.17
C LEU A 87 3.60 33.33 2.87
N GLU A 88 3.98 34.39 2.16
CA GLU A 88 3.39 34.74 0.87
C GLU A 88 3.60 33.62 -0.17
N LEU A 89 4.83 33.11 -0.23
CA LEU A 89 5.15 32.03 -1.16
C LEU A 89 4.29 30.79 -0.91
N VAL A 90 4.21 30.38 0.36
CA VAL A 90 3.48 29.18 0.77
C VAL A 90 1.99 29.36 0.52
N HIS A 91 1.47 30.53 0.88
CA HIS A 91 0.06 30.80 0.62
C HIS A 91 -0.24 30.70 -0.87
N ARG A 92 0.63 31.26 -1.71
CA ARG A 92 0.39 31.29 -3.14
C ARG A 92 0.39 29.85 -3.70
N PHE A 93 1.35 29.04 -3.22
CA PHE A 93 1.47 27.62 -3.58
C PHE A 93 0.22 26.87 -3.18
N GLN A 94 -0.19 27.06 -1.94
CA GLN A 94 -1.35 26.37 -1.37
C GLN A 94 -2.63 26.73 -2.10
N GLU A 95 -2.80 28.02 -2.38
CA GLU A 95 -3.92 28.53 -3.17
C GLU A 95 -4.00 27.79 -4.50
N TYR A 96 -2.87 27.72 -5.18
CA TYR A 96 -2.79 27.00 -6.46
C TYR A 96 -3.16 25.53 -6.37
N ILE A 97 -2.51 24.81 -5.45
CA ILE A 97 -2.78 23.40 -5.15
C ILE A 97 -4.26 23.16 -4.93
N ASP A 98 -4.84 23.99 -4.08
CA ASP A 98 -6.27 23.89 -3.73
C ASP A 98 -7.15 24.09 -4.95
N ALA A 99 -6.76 25.01 -5.85
CA ALA A 99 -7.51 25.31 -7.07
C ALA A 99 -7.30 24.24 -8.15
N HIS A 100 -6.24 23.44 -8.01
CA HIS A 100 -5.87 22.46 -9.04
C HIS A 100 -5.60 21.07 -8.53
N PRO A 101 -6.66 20.38 -8.08
CA PRO A 101 -6.46 19.03 -7.54
C PRO A 101 -5.88 18.05 -8.54
N GLU A 102 -5.97 18.37 -9.84
CA GLU A 102 -5.43 17.51 -10.91
C GLU A 102 -3.92 17.61 -10.98
N THR A 103 -3.34 18.57 -10.27
CA THR A 103 -1.88 18.69 -10.28
C THR A 103 -1.34 17.75 -9.22
N ILE A 104 -0.48 16.82 -9.62
CA ILE A 104 0.13 15.94 -8.64
C ILE A 104 1.31 16.68 -7.95
N VAL A 105 1.27 16.77 -6.63
CA VAL A 105 2.37 17.40 -5.87
C VAL A 105 3.32 16.38 -5.23
N LEU A 106 4.58 16.47 -5.60
CA LEU A 106 5.64 15.67 -5.03
C LEU A 106 6.51 16.62 -4.17
N ASP A 107 6.24 16.70 -2.87
CA ASP A 107 5.26 15.92 -2.15
C ASP A 107 4.31 16.85 -1.35
N PRO A 108 3.13 16.32 -0.92
CA PRO A 108 2.09 17.12 -0.25
C PRO A 108 2.65 17.83 0.96
N LEU A 109 2.28 19.09 1.14
CA LEU A 109 2.78 19.87 2.24
C LEU A 109 2.55 19.27 3.65
N PRO A 110 1.40 18.61 3.90
CA PRO A 110 1.22 17.98 5.22
C PRO A 110 2.35 17.00 5.58
N ALA A 111 2.83 16.23 4.61
CA ALA A 111 3.92 15.29 4.85
C ALA A 111 5.21 16.05 5.15
N ILE A 112 5.42 17.13 4.40
CA ILE A 112 6.63 17.95 4.58
C ILE A 112 6.63 18.56 5.97
N ARG A 113 5.46 18.97 6.44
CA ARG A 113 5.35 19.54 7.78
CA ARG A 113 5.36 19.54 7.77
C ARG A 113 5.68 18.50 8.85
N THR A 114 5.17 17.28 8.68
CA THR A 114 5.50 16.21 9.63
C THR A 114 7.01 15.96 9.65
N LEU A 115 7.64 15.93 8.47
CA LEU A 115 9.07 15.61 8.41
C LEU A 115 9.95 16.77 8.96
N LEU A 116 9.36 17.93 9.16
CA LEU A 116 10.08 19.07 9.72
C LEU A 116 10.14 18.99 11.24
N ASP A 117 9.41 18.04 11.83
CA ASP A 117 9.30 17.99 13.25
C ASP A 117 9.76 16.62 13.70
N ARG A 118 10.91 16.56 14.40
CA ARG A 118 11.43 15.22 14.81
C ARG A 118 10.49 14.47 15.75
N SER A 119 9.85 15.17 16.67
CA SER A 119 8.96 14.52 17.63
C SER A 119 7.79 13.90 16.88
N LYS A 120 7.20 14.64 15.94
CA LYS A 120 6.11 14.10 15.12
C LYS A 120 6.50 12.94 14.21
N SER A 121 7.65 13.08 13.58
CA SER A 121 8.22 12.04 12.76
C SER A 121 8.49 10.76 13.55
N TYR A 122 9.19 10.89 14.67
CA TYR A 122 9.46 9.71 15.47
C TYR A 122 8.20 9.05 15.96
N GLU A 123 7.18 9.84 16.33
CA GLU A 123 5.91 9.24 16.81
C GLU A 123 5.17 8.52 15.67
N LEU A 124 5.22 9.11 14.49
CA LEU A 124 4.65 8.48 13.29
C LEU A 124 5.36 7.13 13.05
N ILE A 125 6.69 7.13 13.05
CA ILE A 125 7.47 5.91 12.84
C ILE A 125 7.09 4.89 13.88
N ARG A 126 6.99 5.32 15.13
CA ARG A 126 6.67 4.38 16.20
C ARG A 126 5.32 3.72 15.97
N LYS A 127 4.32 4.51 15.63
CA LYS A 127 2.97 3.99 15.36
C LYS A 127 2.94 3.06 14.15
N ILE A 128 3.65 3.43 13.09
CA ILE A 128 3.73 2.58 11.89
C ILE A 128 4.36 1.27 12.24
N GLU A 129 5.44 1.32 13.01
CA GLU A 129 6.06 0.09 13.46
C GLU A 129 5.19 -0.78 14.37
N ALA A 130 4.44 -0.15 15.26
CA ALA A 130 3.54 -0.88 16.13
C ALA A 130 2.42 -1.55 15.30
N TYR A 131 2.04 -0.90 14.21
CA TYR A 131 1.00 -1.43 13.30
C TYR A 131 1.50 -2.64 12.49
N MET A 132 2.76 -2.57 12.03
CA MET A 132 3.39 -3.66 11.28
C MET A 132 3.74 -4.86 12.15
N GLU A 133 4.11 -4.59 13.39
CA GLU A 133 4.53 -5.59 14.36
C GLU A 133 5.55 -6.61 13.77
N ASP A 134 6.66 -6.10 13.24
CA ASP A 134 7.68 -6.93 12.63
C ASP A 134 8.81 -6.97 13.64
N ASP A 135 9.21 -8.15 14.07
CA ASP A 135 10.25 -8.27 15.10
C ASP A 135 11.66 -7.88 14.65
N ARG A 136 11.80 -7.55 13.36
CA ARG A 136 13.07 -7.09 12.81
C ARG A 136 13.23 -5.60 12.93
N ILE A 137 12.26 -4.94 13.55
CA ILE A 137 12.30 -3.48 13.64
C ILE A 137 12.18 -3.08 15.10
N CYS A 138 13.02 -2.14 15.50
CA CYS A 138 12.85 -1.60 16.84
C CYS A 138 12.65 -0.08 16.78
N SER A 139 11.85 0.47 17.69
CA SER A 139 11.66 1.92 17.81
C SER A 139 12.39 2.36 19.07
N PRO A 140 13.55 3.02 18.91
CA PRO A 140 14.24 3.46 20.13
C PRO A 140 13.30 4.38 20.90
N PRO A 141 13.19 4.19 22.23
CA PRO A 141 12.49 5.18 23.02
C PRO A 141 12.98 6.60 22.72
N PHE A 142 12.04 7.51 22.67
CA PHE A 142 12.38 8.89 22.47
C PHE A 142 11.31 9.68 23.21
N MET A 143 11.61 10.93 23.50
CA MET A 143 10.59 11.86 23.99
C MET A 143 11.01 13.27 23.68
N GLU A 144 10.03 14.16 23.64
CA GLU A 144 10.29 15.57 23.48
C GLU A 144 10.47 16.17 24.89
N LEU A 145 11.53 16.95 25.07
CA LEU A 145 11.72 17.70 26.31
C LEU A 145 11.59 19.17 26.00
N THR A 146 10.72 19.82 26.75
CA THR A 146 10.42 21.22 26.52
C THR A 146 10.92 22.14 27.63
N SER A 147 11.51 21.58 28.67
CA SER A 147 12.15 22.42 29.70
C SER A 147 13.57 21.99 29.89
N LEU A 148 14.39 22.93 30.36
CA LEU A 148 15.73 22.66 30.86
C LEU A 148 15.63 21.60 31.95
N CYS A 149 16.65 20.76 32.07
CA CYS A 149 16.65 19.75 33.12
C CYS A 149 16.45 20.37 34.52
N GLY A 150 15.83 19.60 35.41
CA GLY A 150 15.65 19.98 36.81
C GLY A 150 15.67 18.72 37.66
N ASP A 151 15.02 18.79 38.82
CA ASP A 151 14.97 17.69 39.78
C ASP A 151 14.10 16.49 39.36
N ASP A 152 13.15 16.71 38.46
CA ASP A 152 12.23 15.65 38.00
C ASP A 152 12.67 15.03 36.66
N THR A 153 13.70 15.58 36.04
CA THR A 153 14.14 15.12 34.72
C THR A 153 14.43 13.62 34.71
N MET A 154 15.22 13.14 35.66
CA MET A 154 15.59 11.72 35.70
C MET A 154 14.36 10.82 35.69
N ARG A 155 13.38 11.13 36.54
CA ARG A 155 12.15 10.32 36.63
C ARG A 155 11.34 10.36 35.33
N LEU A 156 11.27 11.53 34.70
CA LEU A 156 10.56 11.70 33.44
C LEU A 156 11.17 10.83 32.33
N LEU A 157 12.49 10.91 32.18
CA LEU A 157 13.21 10.06 31.24
C LEU A 157 12.94 8.60 31.52
N GLU A 158 13.11 8.19 32.78
CA GLU A 158 12.94 6.79 33.14
C GLU A 158 11.56 6.30 32.75
N LYS A 159 10.55 7.11 33.04
CA LYS A 159 9.17 6.72 32.84
C LYS A 159 8.88 6.48 31.36
N ASN A 160 9.59 7.23 30.51
CA ASN A 160 9.42 7.14 29.06
C ASN A 160 10.41 6.20 28.37
N GLY A 161 11.23 5.50 29.16
CA GLY A 161 12.06 4.40 28.64
C GLY A 161 13.40 4.90 28.15
N LEU A 162 13.69 6.18 28.40
CA LEU A 162 14.99 6.73 28.01
C LEU A 162 16.06 6.23 28.95
N THR A 163 17.20 5.88 28.38
CA THR A 163 18.32 5.32 29.12
C THR A 163 19.61 5.98 28.66
N PHE A 164 20.63 5.93 29.50
CA PHE A 164 21.92 6.47 29.05
C PHE A 164 22.63 5.40 28.30
N PRO A 165 23.34 5.76 27.20
CA PRO A 165 23.38 7.10 26.66
C PRO A 165 22.17 7.37 25.76
N PHE A 166 21.80 8.65 25.65
CA PHE A 166 20.82 9.03 24.66
C PHE A 166 21.30 10.23 23.87
N ILE A 167 20.73 10.43 22.68
CA ILE A 167 21.13 11.57 21.84
C ILE A 167 20.04 12.66 21.87
N CYS A 168 20.48 13.91 21.96
CA CYS A 168 19.64 15.09 22.04
C CYS A 168 19.67 15.74 20.68
N LYS A 169 18.51 15.94 20.11
CA LYS A 169 18.44 16.54 18.82
C LYS A 169 17.40 17.65 18.92
N THR A 170 17.50 18.62 18.04
CA THR A 170 16.51 19.69 17.97
C THR A 170 15.17 19.16 17.51
N ARG A 171 14.08 19.77 17.98
CA ARG A 171 12.76 19.32 17.50
C ARG A 171 12.57 19.69 16.03
N VAL A 172 13.01 20.89 15.65
CA VAL A 172 12.96 21.26 14.25
C VAL A 172 14.02 20.49 13.47
N ALA A 173 13.60 19.85 12.36
CA ALA A 173 14.43 18.83 11.76
C ALA A 173 15.28 19.33 10.63
N HIS A 174 15.22 20.62 10.35
CA HIS A 174 15.95 21.13 9.18
C HIS A 174 16.31 22.57 9.51
N GLY A 175 17.28 23.12 8.77
CA GLY A 175 17.67 24.52 8.94
C GLY A 175 18.77 24.75 9.96
N THR A 176 19.06 26.03 10.20
CA THR A 176 20.15 26.40 11.10
C THR A 176 20.06 25.73 12.48
N ASN A 177 21.18 25.12 12.86
CA ASN A 177 21.33 24.44 14.16
C ASN A 177 20.54 23.14 14.32
N SER A 178 19.75 22.77 13.30
CA SER A 178 18.99 21.52 13.37
C SER A 178 19.88 20.28 13.39
N HIS A 179 21.16 20.42 13.06
CA HIS A 179 22.06 19.26 13.05
C HIS A 179 23.05 19.25 14.21
N GLU A 180 22.88 20.18 15.13
CA GLU A 180 23.65 20.19 16.40
C GLU A 180 23.00 19.24 17.36
N MET A 181 23.79 18.27 17.81
CA MET A 181 23.30 17.25 18.70
C MET A 181 24.23 17.07 19.89
N ALA A 182 23.75 16.32 20.88
CA ALA A 182 24.58 15.96 22.03
C ALA A 182 24.33 14.52 22.36
N ILE A 183 25.34 13.85 22.89
CA ILE A 183 25.15 12.48 23.44
C ILE A 183 25.38 12.62 24.93
N VAL A 184 24.36 12.24 25.68
CA VAL A 184 24.34 12.39 27.16
C VAL A 184 24.57 11.00 27.77
N PHE A 185 25.54 10.91 28.70
CA PHE A 185 26.03 9.60 29.17
C PHE A 185 25.65 9.29 30.60
N ASN A 186 25.25 10.34 31.32
CA ASN A 186 24.94 10.21 32.73
C ASN A 186 24.14 11.39 33.22
N GLN A 187 23.69 11.31 34.46
CA GLN A 187 22.94 12.40 35.06
C GLN A 187 23.67 13.73 35.05
N GLU A 188 24.98 13.73 35.34
CA GLU A 188 25.73 14.96 35.38
C GLU A 188 25.64 15.66 34.03
N GLY A 189 25.42 14.86 32.98
CA GLY A 189 25.43 15.36 31.61
C GLY A 189 24.16 16.03 31.18
N LEU A 190 23.15 16.06 32.05
CA LEU A 190 21.82 16.56 31.68
C LEU A 190 21.66 18.05 31.35
N ASN A 191 22.70 18.86 31.52
CA ASN A 191 22.67 20.28 31.10
C ASN A 191 22.58 20.42 29.57
N ALA A 192 22.94 19.35 28.86
CA ALA A 192 22.57 19.17 27.45
C ALA A 192 21.17 18.56 27.43
N GLN A 194 18.56 21.01 26.09
CA GLN A 194 18.21 22.35 25.59
C GLN A 194 16.90 22.29 24.81
N PRO A 195 15.81 22.76 25.43
CA PRO A 195 14.47 22.61 24.82
C PRO A 195 14.20 23.66 23.71
N PRO A 196 13.33 23.33 22.72
CA PRO A 196 12.66 22.04 22.58
C PRO A 196 13.59 21.10 21.85
N CYS A 197 13.80 19.94 22.47
CA CYS A 197 14.62 18.95 21.84
C CYS A 197 13.92 17.65 21.99
N VAL A 198 14.45 16.68 21.27
CA VAL A 198 13.95 15.33 21.32
CA VAL A 198 13.95 15.34 21.38
C VAL A 198 15.13 14.54 21.88
N VAL A 199 14.86 13.67 22.81
CA VAL A 199 15.92 12.78 23.24
C VAL A 199 15.56 11.40 22.74
N GLN A 200 16.58 10.60 22.38
CA GLN A 200 16.36 9.30 21.79
C GLN A 200 17.49 8.39 22.21
N ASN A 201 17.13 7.18 22.65
CA ASN A 201 18.15 6.22 23.09
C ASN A 201 19.17 5.99 22.00
N PHE A 202 20.42 6.02 22.44
CA PHE A 202 21.56 5.72 21.55
C PHE A 202 21.58 4.21 21.32
N ILE A 203 21.67 3.82 20.05
CA ILE A 203 21.75 2.42 19.69
C ILE A 203 23.14 2.14 19.09
N ASN A 204 23.95 1.30 19.74
CA ASN A 204 25.21 0.88 19.15
C ASN A 204 24.89 0.13 17.89
N HIS A 205 25.60 0.46 16.82
CA HIS A 205 25.26 -0.07 15.50
C HIS A 205 26.48 -0.26 14.60
N ASN A 206 27.64 -0.39 15.26
CA ASN A 206 28.92 -0.62 14.62
C ASN A 206 29.27 0.39 13.57
N ALA A 207 28.87 1.64 13.87
CA ALA A 207 29.29 2.82 13.12
C ALA A 207 29.05 2.72 11.61
N VAL A 208 27.97 2.05 11.21
CA VAL A 208 27.56 2.02 9.81
C VAL A 208 26.12 2.52 9.69
N LEU A 209 25.95 3.56 8.87
CA LEU A 209 24.62 4.10 8.65
C LEU A 209 24.17 3.60 7.28
N TYR A 210 22.94 3.08 7.20
CA TYR A 210 22.34 2.71 5.90
C TYR A 210 21.35 3.79 5.52
N LYS A 211 21.74 4.67 4.61
CA LYS A 211 20.79 5.68 4.13
C LYS A 211 19.93 5.03 3.06
N VAL A 212 18.64 4.92 3.32
CA VAL A 212 17.74 4.42 2.29
C VAL A 212 17.20 5.63 1.58
N PHE A 213 17.59 5.80 0.31
CA PHE A 213 17.14 6.92 -0.47
C PHE A 213 15.98 6.45 -1.32
N VAL A 214 14.79 6.96 -1.03
CA VAL A 214 13.55 6.48 -1.65
C VAL A 214 13.12 7.45 -2.74
N VAL A 215 12.82 6.91 -3.91
CA VAL A 215 12.20 7.65 -5.00
C VAL A 215 10.93 6.85 -5.40
N GLY A 216 9.85 7.10 -4.66
CA GLY A 216 8.60 6.38 -4.83
C GLY A 216 8.80 4.88 -4.73
N GLU A 217 8.59 4.18 -5.84
CA GLU A 217 8.56 2.72 -5.83
C GLU A 217 9.97 2.09 -5.80
N SER A 218 11.00 2.91 -5.94
CA SER A 218 12.39 2.42 -5.97
C SER A 218 13.15 3.04 -4.83
N TYR A 219 14.15 2.32 -4.33
CA TYR A 219 15.09 2.90 -3.38
C TYR A 219 16.49 2.42 -3.62
N THR A 220 17.46 3.12 -3.05
CA THR A 220 18.85 2.76 -3.11
C THR A 220 19.40 2.89 -1.69
N VAL A 221 20.14 1.88 -1.24
CA VAL A 221 20.75 1.95 0.09
C VAL A 221 22.20 2.41 -0.09
N VAL A 222 22.60 3.46 0.66
CA VAL A 222 23.95 3.99 0.54
C VAL A 222 24.56 3.96 1.94
N GLN A 223 25.65 3.22 2.10
CA GLN A 223 26.32 3.17 3.38
C GLN A 223 27.08 4.47 3.65
N ARG A 224 27.00 4.90 4.88
CA ARG A 224 27.66 6.13 5.31
C ARG A 224 28.37 5.93 6.64
N PRO A 225 29.30 6.83 6.96
CA PRO A 225 29.91 6.78 8.29
C PRO A 225 28.85 7.10 9.33
N SER A 226 29.12 6.74 10.58
CA SER A 226 28.11 6.92 11.59
C SER A 226 28.79 6.81 12.93
N LEU A 227 28.06 7.22 13.96
CA LEU A 227 28.68 7.27 15.30
C LEU A 227 29.11 5.89 15.75
N LYS A 228 30.26 5.86 16.42
CA LYS A 228 30.86 4.64 16.92
C LYS A 228 30.06 4.03 18.05
N ASN A 229 30.44 2.82 18.47
CA ASN A 229 29.79 2.25 19.62
C ASN A 229 30.33 2.96 20.84
N PHE A 230 29.46 3.09 21.82
CA PHE A 230 29.85 3.52 23.20
C PHE A 230 29.47 2.45 24.22
N SER A 235 29.93 5.03 32.49
CA SER A 235 30.64 6.15 31.87
C SER A 235 30.34 7.47 32.56
N ASP A 236 31.33 7.99 33.28
CA ASP A 236 31.19 9.30 33.92
C ASP A 236 31.63 10.46 33.01
N ARG A 237 31.78 10.16 31.73
CA ARG A 237 32.35 11.07 30.77
C ARG A 237 31.46 12.26 30.46
N GLU A 238 32.09 13.32 29.96
CA GLU A 238 31.37 14.54 29.59
C GLU A 238 30.47 14.25 28.40
N SER A 239 29.40 15.04 28.28
CA SER A 239 28.48 14.86 27.12
C SER A 239 29.29 15.24 25.87
N ILE A 240 28.91 14.66 24.73
CA ILE A 240 29.54 14.94 23.49
C ILE A 240 28.63 15.86 22.72
N PHE A 241 29.17 16.93 22.18
CA PHE A 241 28.39 17.82 21.30
C PHE A 241 29.00 17.68 19.94
N PHE A 242 28.15 17.47 18.93
CA PHE A 242 28.66 17.32 17.56
C PHE A 242 27.66 17.87 16.58
N ASN A 243 28.09 18.03 15.34
CA ASN A 243 27.16 18.45 14.30
C ASN A 243 27.07 17.28 13.33
N SER A 244 25.85 16.86 13.01
CA SER A 244 25.69 15.65 12.26
C SER A 244 26.22 15.75 10.81
N HIS A 245 26.39 16.93 10.24
CA HIS A 245 27.12 16.85 8.93
C HIS A 245 28.62 16.63 8.97
N ASN A 246 29.20 16.51 10.18
CA ASN A 246 30.57 16.01 10.37
C ASN A 246 30.62 14.51 10.53
N VAL A 247 29.43 13.89 10.56
CA VAL A 247 29.31 12.49 10.94
C VAL A 247 28.93 11.54 9.79
N SER A 248 27.87 11.85 9.04
CA SER A 248 27.29 10.87 8.13
C SER A 248 27.19 11.34 6.70
N LYS A 249 28.06 12.30 6.37
CA LYS A 249 28.25 12.66 4.96
C LYS A 249 29.25 11.70 4.27
N PRO A 250 29.26 11.67 2.92
CA PRO A 250 30.15 10.70 2.24
C PRO A 250 31.62 10.72 2.71
N GLU A 251 32.15 11.90 2.95
CA GLU A 251 33.57 12.02 3.28
C GLU A 251 33.82 12.27 4.78
N SER A 252 32.76 12.22 5.59
CA SER A 252 32.90 12.38 7.03
C SER A 252 33.93 11.41 7.59
N SER A 253 34.80 11.92 8.45
CA SER A 253 35.84 11.13 9.09
C SER A 253 36.27 11.87 10.34
N SER A 254 36.10 11.23 11.49
CA SER A 254 36.55 11.80 12.76
C SER A 254 36.56 10.70 13.76
N VAL A 255 37.13 10.96 14.93
CA VAL A 255 37.08 9.96 16.00
C VAL A 255 35.67 9.53 16.41
N LEU A 256 34.68 10.40 16.22
CA LEU A 256 33.30 10.03 16.53
C LEU A 256 32.79 8.88 15.65
N THR A 257 33.41 8.68 14.48
CA THR A 257 32.91 7.71 13.50
C THR A 257 33.84 6.52 13.33
N GLU A 258 34.94 6.54 14.08
CA GLU A 258 35.93 5.48 14.00
C GLU A 258 35.64 4.37 14.98
N LEU A 259 35.19 3.24 14.46
CA LEU A 259 34.73 2.13 15.28
C LEU A 259 35.92 1.45 15.94
N ASP A 260 35.89 1.25 17.26
CA ASP A 260 37.02 0.60 17.94
C ASP A 260 37.12 -0.88 17.48
N LYS A 261 36.01 -1.60 17.51
CA LYS A 261 35.92 -2.96 16.99
C LYS A 261 34.46 -3.33 16.74
N ILE A 262 34.21 -4.23 15.80
CA ILE A 262 32.86 -4.74 15.60
C ILE A 262 32.44 -5.49 16.86
N GLU A 263 31.22 -5.23 17.34
CA GLU A 263 30.69 -5.90 18.51
C GLU A 263 29.27 -6.34 18.17
N GLY A 264 28.85 -7.48 18.72
CA GLY A 264 27.50 -7.98 18.57
C GLY A 264 27.09 -8.24 17.14
N VAL A 265 25.80 -8.02 16.87
CA VAL A 265 25.23 -8.43 15.56
C VAL A 265 25.61 -7.36 14.56
N PHE A 266 26.20 -7.77 13.44
CA PHE A 266 26.63 -6.81 12.42
C PHE A 266 26.21 -7.36 11.05
N GLU A 267 25.07 -6.87 10.59
CA GLU A 267 24.43 -7.34 9.37
C GLU A 267 23.99 -6.14 8.60
N ARG A 268 23.87 -6.32 7.28
CA ARG A 268 23.23 -5.32 6.41
C ARG A 268 21.72 -5.39 6.56
N PRO A 269 21.03 -4.28 6.33
CA PRO A 269 19.58 -4.29 6.48
C PRO A 269 18.87 -5.27 5.52
N SER A 270 17.67 -5.66 5.86
CA SER A 270 16.88 -6.57 5.06
C SER A 270 16.11 -5.82 4.00
N ASP A 271 16.22 -6.21 2.73
CA ASP A 271 15.38 -5.54 1.75
C ASP A 271 13.90 -5.75 1.99
N GLU A 272 13.53 -6.90 2.52
CA GLU A 272 12.14 -7.12 2.88
C GLU A 272 11.66 -6.07 3.85
N VAL A 273 12.45 -5.84 4.88
CA VAL A 273 12.12 -4.83 5.87
C VAL A 273 12.06 -3.39 5.28
N ILE A 274 13.05 -3.05 4.46
CA ILE A 274 13.08 -1.75 3.83
C ILE A 274 11.86 -1.58 2.97
N ARG A 275 11.50 -2.63 2.21
CA ARG A 275 10.31 -2.50 1.37
C ARG A 275 9.05 -2.24 2.20
N GLU A 276 8.93 -2.88 3.35
CA GLU A 276 7.71 -2.69 4.10
C GLU A 276 7.67 -1.28 4.75
N LEU A 277 8.84 -0.82 5.21
CA LEU A 277 8.98 0.52 5.75
C LEU A 277 8.66 1.58 4.71
N SER A 278 9.26 1.40 3.53
CA SER A 278 9.03 2.32 2.44
C SER A 278 7.56 2.39 2.09
N ARG A 279 6.90 1.25 1.88
CA ARG A 279 5.50 1.26 1.52
C ARG A 279 4.67 1.96 2.59
N ALA A 280 4.93 1.61 3.85
CA ALA A 280 4.10 2.11 4.97
C ALA A 280 4.25 3.62 5.10
N LEU A 281 5.47 4.10 5.02
CA LEU A 281 5.73 5.54 5.15
C LEU A 281 5.13 6.27 3.96
N ARG A 282 5.31 5.71 2.74
CA ARG A 282 4.75 6.40 1.61
C ARG A 282 3.22 6.41 1.70
N GLN A 283 2.62 5.27 2.09
CA GLN A 283 1.16 5.21 2.10
C GLN A 283 0.54 6.07 3.21
N ALA A 284 1.19 6.10 4.38
CA ALA A 284 0.66 6.84 5.55
C ALA A 284 0.85 8.33 5.40
N LEU A 285 2.03 8.70 4.95
CA LEU A 285 2.41 10.12 4.81
C LEU A 285 2.10 10.74 3.48
N GLY A 286 2.08 9.93 2.43
CA GLY A 286 1.93 10.41 1.07
C GLY A 286 3.24 10.97 0.51
N VAL A 287 4.35 10.69 1.18
CA VAL A 287 5.63 11.14 0.64
C VAL A 287 6.10 10.16 -0.46
N SER A 288 7.08 10.57 -1.26
CA SER A 288 7.67 9.70 -2.28
C SER A 288 9.15 9.98 -2.44
N LEU A 289 9.57 11.24 -2.18
CA LEU A 289 10.99 11.63 -2.34
C LEU A 289 11.52 11.91 -0.95
N PHE A 290 12.11 10.89 -0.35
CA PHE A 290 12.54 11.03 1.02
C PHE A 290 13.65 10.02 1.31
N GLY A 291 14.30 10.17 2.45
CA GLY A 291 15.26 9.17 2.91
C GLY A 291 14.92 8.69 4.30
N ILE A 292 15.27 7.44 4.57
CA ILE A 292 15.13 6.83 5.89
C ILE A 292 16.57 6.47 6.31
N ASP A 293 17.00 6.92 7.47
CA ASP A 293 18.31 6.55 7.97
C ASP A 293 18.11 5.36 8.88
N ILE A 294 18.70 4.25 8.49
CA ILE A 294 18.53 3.03 9.23
C ILE A 294 19.87 2.60 9.81
N ILE A 295 19.82 2.20 11.07
CA ILE A 295 20.96 1.54 11.67
C ILE A 295 20.55 0.17 12.15
N ILE A 296 21.55 -0.71 12.29
CA ILE A 296 21.33 -2.08 12.73
C ILE A 296 21.82 -2.22 14.16
N ASN A 297 20.86 -2.43 15.07
CA ASN A 297 21.06 -2.54 16.53
C ASN A 297 21.96 -3.76 16.76
N ASN A 298 23.12 -3.53 17.37
CA ASN A 298 24.09 -4.64 17.48
C ASN A 298 23.76 -5.62 18.63
N GLN A 299 22.74 -5.30 19.43
CA GLN A 299 22.28 -6.28 20.47
C GLN A 299 21.16 -7.20 19.98
N THR A 300 20.40 -6.76 18.96
CA THR A 300 19.21 -7.51 18.53
C THR A 300 19.25 -7.80 17.04
N GLY A 301 20.10 -7.08 16.31
CA GLY A 301 20.08 -7.09 14.84
C GLY A 301 18.88 -6.39 14.20
N GLN A 302 18.03 -5.77 15.02
CA GLN A 302 16.85 -5.08 14.51
C GLN A 302 17.22 -3.78 13.78
N HIS A 303 16.36 -3.41 12.84
CA HIS A 303 16.44 -2.12 12.13
C HIS A 303 15.82 -0.98 12.95
N ALA A 304 16.55 0.13 13.10
CA ALA A 304 16.05 1.27 13.86
C ALA A 304 16.07 2.40 12.87
N VAL A 305 14.93 3.04 12.69
CA VAL A 305 14.87 4.20 11.80
C VAL A 305 15.15 5.41 12.69
N ILE A 306 16.27 6.11 12.47
CA ILE A 306 16.63 7.17 13.46
C ILE A 306 16.37 8.59 12.90
N ASP A 307 15.98 8.65 11.63
CA ASP A 307 15.82 9.95 10.94
C ASP A 307 15.04 9.62 9.66
N ILE A 308 14.14 10.53 9.31
CA ILE A 308 13.46 10.49 8.02
C ILE A 308 13.48 11.94 7.48
N ASN A 309 13.86 12.09 6.22
CA ASN A 309 14.14 13.40 5.64
C ASN A 309 13.37 13.61 4.34
N ALA A 310 12.72 14.73 4.14
CA ALA A 310 12.15 14.99 2.80
C ALA A 310 13.26 15.38 1.81
N PHE A 311 13.11 14.85 0.58
CA PHE A 311 13.90 15.20 -0.59
C PHE A 311 15.35 15.50 -0.22
N PRO A 312 16.08 14.45 0.18
CA PRO A 312 17.47 14.62 0.61
C PRO A 312 18.44 14.77 -0.59
N GLY A 313 19.73 14.55 -0.35
CA GLY A 313 20.74 14.86 -1.37
C GLY A 313 20.94 13.76 -2.39
N TYR A 314 20.65 12.52 -2.00
CA TYR A 314 20.81 11.32 -2.88
C TYR A 314 22.26 11.16 -3.34
N GLU A 315 23.21 11.65 -2.54
CA GLU A 315 24.61 11.48 -2.92
C GLU A 315 24.91 10.00 -2.85
N GLY A 316 25.37 9.44 -3.96
CA GLY A 316 25.73 8.03 -4.07
C GLY A 316 24.67 7.21 -4.76
N VAL A 317 23.58 7.87 -5.17
CA VAL A 317 22.50 7.23 -5.91
C VAL A 317 22.62 7.64 -7.38
N SER A 318 23.26 6.79 -8.17
CA SER A 318 23.51 7.20 -9.55
C SER A 318 22.24 7.14 -10.41
N GLU A 319 21.29 6.32 -10.00
CA GLU A 319 20.06 6.14 -10.77
C GLU A 319 18.96 7.16 -10.45
N PHE A 320 19.28 8.23 -9.71
CA PHE A 320 18.23 9.16 -9.22
C PHE A 320 17.33 9.73 -10.34
N PHE A 321 17.93 10.25 -11.41
CA PHE A 321 17.09 10.90 -12.45
C PHE A 321 16.16 9.87 -13.11
N THR A 322 16.69 8.68 -13.37
CA THR A 322 15.90 7.63 -14.00
C THR A 322 14.74 7.24 -13.08
N ASP A 323 15.08 7.04 -11.81
CA ASP A 323 14.08 6.65 -10.80
C ASP A 323 13.03 7.73 -10.67
N LEU A 324 13.47 8.98 -10.72
CA LEU A 324 12.58 10.09 -10.59
C LEU A 324 11.62 10.18 -11.78
N LEU A 325 12.17 10.05 -12.98
CA LEU A 325 11.35 9.97 -14.18
C LEU A 325 10.36 8.80 -14.10
N ASN A 326 10.82 7.63 -13.63
CA ASN A 326 9.94 6.46 -13.47
C ASN A 326 8.81 6.77 -12.48
N HIS A 327 9.14 7.45 -11.39
CA HIS A 327 8.12 7.77 -10.41
C HIS A 327 7.10 8.75 -11.00
N ILE A 328 7.59 9.75 -11.71
CA ILE A 328 6.67 10.67 -12.39
C ILE A 328 5.74 9.88 -13.31
N ALA A 329 6.27 8.95 -14.08
CA ALA A 329 5.44 8.16 -15.00
C ALA A 329 4.39 7.36 -14.18
N THR A 330 4.83 6.81 -13.05
CA THR A 330 3.94 6.02 -12.20
C THR A 330 2.80 6.86 -11.63
N VAL A 331 3.09 8.06 -11.13
CA VAL A 331 2.02 8.86 -10.52
C VAL A 331 1.01 9.32 -11.56
N LEU A 332 1.51 9.63 -12.75
CA LEU A 332 0.63 9.98 -13.87
C LEU A 332 -0.22 8.80 -14.26
N GLN A 333 0.37 7.61 -14.28
CA GLN A 333 -0.39 6.39 -14.53
C GLN A 333 -1.47 6.17 -13.46
N GLY A 334 -1.09 6.31 -12.18
CA GLY A 334 -2.03 6.16 -11.04
C GLY A 334 -3.16 7.17 -11.11
N GLN A 335 -2.84 8.39 -11.52
CA GLN A 335 -3.85 9.43 -11.62
C GLN A 335 -4.80 9.15 -12.76
N SER A 336 -4.24 8.78 -13.92
CA SER A 336 -4.99 8.42 -15.12
C SER A 336 -6.01 7.30 -14.90
N THR A 337 -5.70 6.40 -13.97
CA THR A 337 -6.53 5.22 -13.71
C THR A 337 -7.21 5.26 -12.35
N ALA A 338 -7.13 6.42 -11.70
CA ALA A 338 -7.84 6.64 -10.45
C ALA A 338 -7.42 5.61 -9.39
N MET A 339 -6.11 5.39 -9.31
CA MET A 339 -5.51 4.47 -8.33
C MET A 339 -5.44 5.00 -6.89
N ALA A 340 -6.51 5.63 -6.42
CA ALA A 340 -6.56 6.20 -5.07
C ALA A 340 -6.55 5.13 -4.00
N ALA A 341 -5.74 5.34 -2.94
CA ALA A 341 -5.82 4.49 -1.77
C ALA A 341 -7.12 4.80 -1.02
N THR A 342 -7.71 3.76 -0.46
CA THR A 342 -8.87 3.91 0.45
C THR A 342 -8.60 3.17 1.78
N GLY A 343 -9.25 3.60 2.86
CA GLY A 343 -9.09 2.95 4.14
C GLY A 343 -7.72 3.18 4.73
N ASP A 344 -7.33 2.27 5.62
CA ASP A 344 -6.04 2.31 6.27
C ASP A 344 -4.96 1.75 5.35
N VAL A 345 -3.71 2.01 5.71
CA VAL A 345 -2.55 1.40 5.08
C VAL A 345 -2.72 -0.13 5.05
N ALA A 346 -2.67 -0.71 3.86
CA ALA A 346 -2.83 -2.17 3.72
C ALA A 346 -1.44 -2.77 3.75
N LEU A 347 -1.15 -3.51 4.82
CA LEU A 347 0.23 -4.06 4.98
C LEU A 347 0.41 -5.27 4.07
N HIS B 8 8.89 -16.69 10.69
CA HIS B 8 7.77 -15.70 10.96
C HIS B 8 8.19 -14.49 11.83
N HIS B 9 8.25 -13.34 11.15
CA HIS B 9 8.70 -12.10 11.79
C HIS B 9 7.57 -11.19 12.22
N HIS B 10 6.36 -11.48 11.76
CA HIS B 10 5.22 -10.65 12.06
C HIS B 10 4.40 -11.31 13.17
N HIS B 11 3.99 -10.48 14.12
CA HIS B 11 3.32 -11.00 15.32
C HIS B 11 1.99 -10.32 15.50
N HIS B 12 1.20 -10.76 16.44
CA HIS B 12 -0.12 -10.21 16.58
C HIS B 12 -0.53 -10.15 18.02
N MET B 13 -0.56 -8.97 18.61
CA MET B 13 -1.46 -8.60 19.71
C MET B 13 -2.35 -7.36 19.44
N GLN B 14 -3.72 -7.37 19.43
CA GLN B 14 -4.60 -8.48 19.81
C GLN B 14 -5.14 -8.31 21.22
N THR B 15 -4.58 -7.34 21.95
CA THR B 15 -5.23 -6.81 23.14
C THR B 15 -6.29 -5.78 22.78
N PHE B 16 -6.04 -5.01 21.72
CA PHE B 16 -6.98 -4.03 21.25
C PHE B 16 -8.41 -4.57 21.21
N LEU B 17 -8.60 -5.86 21.33
CA LEU B 17 -9.88 -6.51 21.09
C LEU B 17 -10.81 -6.40 22.29
N LYS B 18 -10.21 -6.25 23.47
CA LYS B 18 -10.95 -6.36 24.72
C LYS B 18 -11.96 -5.23 24.83
N GLY B 19 -13.23 -5.59 25.00
CA GLY B 19 -14.27 -4.62 25.17
C GLY B 19 -14.92 -4.16 23.88
N LYS B 20 -14.37 -4.62 22.76
CA LYS B 20 -14.88 -4.21 21.45
C LYS B 20 -16.09 -5.04 21.08
N ARG B 21 -16.97 -4.44 20.28
CA ARG B 21 -18.16 -5.12 19.90
C ARG B 21 -18.14 -5.34 18.40
N VAL B 22 -18.26 -6.61 17.99
CA VAL B 22 -18.29 -6.96 16.58
CA VAL B 22 -18.29 -7.00 16.58
C VAL B 22 -19.70 -7.42 16.20
N GLY B 23 -20.26 -6.79 15.19
CA GLY B 23 -21.58 -7.23 14.67
C GLY B 23 -21.32 -8.01 13.38
N TYR B 24 -22.16 -8.99 13.08
CA TYR B 24 -22.00 -9.71 11.82
C TYR B 24 -23.32 -9.99 11.15
N TRP B 25 -23.29 -10.07 9.82
CA TRP B 25 -24.45 -10.50 9.07
C TRP B 25 -23.96 -11.48 8.01
N LEU B 26 -24.38 -12.73 8.15
CA LEU B 26 -24.01 -13.76 7.20
C LEU B 26 -25.20 -14.66 6.97
N SER B 27 -25.28 -15.23 5.78
CA SER B 27 -26.39 -16.13 5.46
C SER B 27 -26.26 -17.39 6.33
N GLU B 28 -27.37 -18.06 6.60
CA GLU B 28 -27.26 -19.34 7.34
C GLU B 28 -26.28 -20.31 6.65
N LYS B 29 -26.32 -20.37 5.32
CA LYS B 29 -25.44 -21.26 4.58
C LYS B 29 -23.98 -20.97 4.94
N LYS B 30 -23.63 -19.68 4.98
CA LYS B 30 -22.26 -19.27 5.17
C LYS B 30 -21.87 -19.44 6.62
N ILE B 31 -22.79 -19.15 7.54
CA ILE B 31 -22.52 -19.43 8.94
C ILE B 31 -22.13 -20.91 9.15
N LYS B 32 -22.89 -21.82 8.54
CA LYS B 32 -22.57 -23.25 8.65
C LYS B 32 -21.20 -23.55 8.01
N LYS B 33 -21.04 -23.09 6.77
CA LYS B 33 -19.79 -23.34 6.02
C LYS B 33 -18.52 -22.92 6.76
N LEU B 34 -18.57 -21.74 7.39
CA LEU B 34 -17.43 -21.20 8.15
C LEU B 34 -17.41 -21.66 9.58
N ASN B 35 -18.42 -22.44 9.98
CA ASN B 35 -18.62 -22.76 11.39
C ASN B 35 -18.54 -21.46 12.19
N PHE B 36 -19.30 -20.44 11.76
CA PHE B 36 -19.07 -19.09 12.27
C PHE B 36 -19.41 -18.97 13.75
N GLN B 37 -20.28 -19.85 14.26
CA GLN B 37 -20.58 -19.90 15.72
C GLN B 37 -19.30 -19.99 16.57
N ALA B 38 -18.37 -20.83 16.14
CA ALA B 38 -17.05 -21.02 16.76
C ALA B 38 -16.21 -19.76 16.72
N PHE B 39 -16.31 -18.99 15.62
CA PHE B 39 -15.59 -17.72 15.59
C PHE B 39 -16.21 -16.73 16.57
N ALA B 40 -17.55 -16.70 16.65
CA ALA B 40 -18.19 -15.83 17.64
C ALA B 40 -17.67 -16.21 19.03
N GLU B 41 -17.55 -17.52 19.29
CA GLU B 41 -16.99 -17.96 20.58
C GLU B 41 -15.53 -17.49 20.81
N LEU B 42 -14.71 -17.52 19.76
CA LEU B 42 -13.33 -17.08 19.89
C LEU B 42 -13.22 -15.60 20.25
N CYS B 43 -14.01 -14.78 19.58
CA CYS B 43 -14.08 -13.36 19.90
C CYS B 43 -14.44 -13.14 21.37
N ARG B 44 -15.48 -13.83 21.83
CA ARG B 44 -15.92 -13.72 23.23
C ARG B 44 -14.81 -14.09 24.20
N LYS B 45 -14.14 -15.22 23.91
CA LYS B 45 -12.91 -15.62 24.59
C LYS B 45 -11.86 -14.52 24.69
N ARG B 46 -11.75 -13.69 23.65
CA ARG B 46 -10.78 -12.59 23.62
C ARG B 46 -11.27 -11.29 24.25
N GLY B 47 -12.45 -11.32 24.84
CA GLY B 47 -12.96 -10.18 25.57
C GLY B 47 -13.89 -9.31 24.76
N MET B 48 -14.30 -9.81 23.58
CA MET B 48 -15.18 -9.06 22.70
C MET B 48 -16.65 -9.38 22.97
N GLU B 49 -17.51 -8.46 22.56
CA GLU B 49 -18.92 -8.73 22.47
C GLU B 49 -19.25 -8.98 21.00
N VAL B 50 -20.23 -9.85 20.76
CA VAL B 50 -20.58 -10.23 19.39
C VAL B 50 -22.09 -10.08 19.25
N VAL B 51 -22.56 -9.57 18.13
CA VAL B 51 -23.99 -9.53 17.90
C VAL B 51 -24.26 -9.93 16.46
N GLN B 52 -25.21 -10.83 16.29
CA GLN B 52 -25.66 -11.26 14.98
C GLN B 52 -26.71 -10.23 14.60
N LEU B 53 -26.44 -9.49 13.54
CA LEU B 53 -27.26 -8.36 13.15
C LEU B 53 -28.55 -8.83 12.52
N ASN B 54 -29.63 -8.20 12.93
CA ASN B 54 -30.94 -8.36 12.30
C ASN B 54 -31.20 -7.12 11.46
N LEU B 55 -31.09 -7.24 10.14
CA LEU B 55 -31.18 -6.04 9.29
C LEU B 55 -32.60 -5.62 8.92
N SER B 56 -33.59 -6.39 9.38
CA SER B 56 -34.99 -5.95 9.26
C SER B 56 -35.44 -5.14 10.50
N ARG B 57 -34.54 -5.01 11.48
CA ARG B 57 -34.75 -4.17 12.67
C ARG B 57 -33.75 -3.01 12.71
N PRO B 58 -34.16 -1.88 13.32
CA PRO B 58 -33.21 -0.79 13.52
C PRO B 58 -31.86 -1.32 14.04
N ILE B 59 -30.78 -0.87 13.41
CA ILE B 59 -29.43 -1.31 13.76
C ILE B 59 -28.91 -0.61 15.02
N GLU B 60 -29.20 0.69 15.17
CA GLU B 60 -28.69 1.47 16.31
C GLU B 60 -28.93 0.76 17.63
N GLU B 61 -30.11 0.16 17.77
CA GLU B 61 -30.52 -0.56 18.98
C GLU B 61 -29.68 -1.82 19.24
N GLN B 62 -29.13 -2.39 18.17
CA GLN B 62 -28.29 -3.58 18.27
C GLN B 62 -26.84 -3.23 18.59
N GLY B 63 -26.50 -1.96 18.38
CA GLY B 63 -25.17 -1.42 18.64
C GLY B 63 -24.96 -1.13 20.12
N PRO B 64 -23.87 -0.43 20.46
CA PRO B 64 -22.87 0.13 19.56
C PRO B 64 -22.00 -0.95 18.94
N LEU B 65 -21.34 -0.63 17.83
CA LEU B 65 -20.62 -1.62 17.03
C LEU B 65 -19.30 -1.01 16.62
N ASP B 66 -18.23 -1.66 17.03
CA ASP B 66 -16.88 -1.23 16.62
C ASP B 66 -16.48 -1.77 15.24
N VAL B 67 -16.95 -2.98 14.93
CA VAL B 67 -16.63 -3.66 13.67
C VAL B 67 -17.89 -4.33 13.19
N ILE B 68 -18.11 -4.32 11.88
CA ILE B 68 -19.13 -5.19 11.27
C ILE B 68 -18.51 -6.08 10.24
N ILE B 69 -18.80 -7.38 10.33
CA ILE B 69 -18.34 -8.35 9.35
C ILE B 69 -19.57 -8.80 8.60
N HIS B 70 -19.54 -8.75 7.28
CA HIS B 70 -20.76 -9.21 6.58
C HIS B 70 -20.46 -9.86 5.26
N LYS B 71 -21.45 -10.57 4.74
CA LYS B 71 -21.47 -10.80 3.31
C LYS B 71 -22.87 -10.52 2.79
N LEU B 72 -23.11 -9.25 2.56
CA LEU B 72 -24.37 -8.76 2.08
C LEU B 72 -24.47 -8.80 0.53
N THR B 73 -23.50 -9.43 -0.12
CA THR B 73 -23.46 -9.54 -1.58
C THR B 73 -24.81 -9.89 -2.17
N ASP B 74 -25.41 -10.98 -1.70
CA ASP B 74 -26.67 -11.42 -2.30
C ASP B 74 -27.82 -10.47 -2.03
N VAL B 75 -27.82 -9.85 -0.87
CA VAL B 75 -28.86 -8.87 -0.56
C VAL B 75 -28.68 -7.65 -1.46
N ILE B 76 -27.42 -7.26 -1.69
CA ILE B 76 -27.16 -6.08 -2.55
C ILE B 76 -27.63 -6.39 -3.99
N LEU B 77 -27.26 -7.56 -4.49
CA LEU B 77 -27.69 -8.02 -5.81
C LEU B 77 -29.22 -8.01 -5.94
N GLU B 78 -29.91 -8.50 -4.91
CA GLU B 78 -31.37 -8.54 -4.90
C GLU B 78 -31.91 -7.10 -4.95
N ALA B 79 -31.33 -6.23 -4.12
CA ALA B 79 -31.68 -4.81 -4.13
C ALA B 79 -31.43 -4.17 -5.52
N ASP B 80 -30.34 -4.56 -6.18
CA ASP B 80 -30.08 -4.10 -7.57
C ASP B 80 -31.15 -4.55 -8.54
N GLN B 81 -31.79 -5.68 -8.25
CA GLN B 81 -32.94 -6.18 -9.00
C GLN B 81 -34.29 -5.61 -8.53
N ASN B 82 -34.23 -4.53 -7.73
CA ASN B 82 -35.38 -3.85 -7.15
C ASN B 82 -36.27 -4.65 -6.21
N ASP B 83 -35.69 -5.64 -5.54
CA ASP B 83 -36.43 -6.43 -4.57
C ASP B 83 -36.69 -5.53 -3.40
N SER B 84 -37.97 -5.36 -3.05
CA SER B 84 -38.37 -4.34 -2.06
C SER B 84 -37.72 -4.57 -0.69
N GLN B 85 -37.92 -5.76 -0.15
CA GLN B 85 -37.32 -6.18 1.12
C GLN B 85 -35.82 -5.83 1.15
N SER B 86 -35.08 -6.41 0.21
CA SER B 86 -33.61 -6.21 0.07
C SER B 86 -33.16 -4.75 -0.02
N LEU B 87 -33.93 -3.92 -0.74
CA LEU B 87 -33.65 -2.50 -0.85
C LEU B 87 -33.71 -1.76 0.49
N GLU B 88 -34.72 -2.12 1.28
CA GLU B 88 -34.92 -1.64 2.63
C GLU B 88 -33.77 -2.08 3.54
N LEU B 89 -33.44 -3.38 3.50
CA LEU B 89 -32.29 -3.95 4.23
C LEU B 89 -31.00 -3.15 3.97
N VAL B 90 -30.66 -2.95 2.68
CA VAL B 90 -29.44 -2.23 2.31
C VAL B 90 -29.52 -0.77 2.73
N HIS B 91 -30.72 -0.18 2.62
CA HIS B 91 -30.91 1.22 3.00
C HIS B 91 -30.68 1.43 4.50
N ARG B 92 -31.25 0.56 5.30
CA ARG B 92 -31.10 0.59 6.74
C ARG B 92 -29.62 0.42 7.08
N PHE B 93 -29.00 -0.59 6.50
CA PHE B 93 -27.55 -0.78 6.64
C PHE B 93 -26.75 0.46 6.27
N GLN B 94 -27.01 1.02 5.08
CA GLN B 94 -26.27 2.21 4.64
C GLN B 94 -26.47 3.40 5.55
N GLU B 95 -27.72 3.64 5.95
CA GLU B 95 -28.07 4.72 6.89
C GLU B 95 -27.21 4.66 8.15
N TYR B 96 -27.10 3.45 8.71
CA TYR B 96 -26.31 3.21 9.90
C TYR B 96 -24.84 3.54 9.70
N ILE B 97 -24.25 3.00 8.62
CA ILE B 97 -22.82 3.19 8.28
C ILE B 97 -22.49 4.66 8.23
N ASP B 98 -23.34 5.41 7.52
CA ASP B 98 -23.16 6.85 7.31
C ASP B 98 -23.18 7.60 8.63
N ALA B 99 -24.11 7.23 9.49
CA ALA B 99 -24.27 7.81 10.80
C ALA B 99 -23.10 7.48 11.73
N HIS B 100 -22.46 6.33 11.48
CA HIS B 100 -21.44 5.78 12.37
C HIS B 100 -20.12 5.47 11.63
N PRO B 101 -19.43 6.54 11.20
CA PRO B 101 -18.16 6.47 10.49
C PRO B 101 -17.07 5.75 11.28
N GLU B 102 -17.22 5.68 12.60
CA GLU B 102 -16.25 5.03 13.49
C GLU B 102 -16.32 3.50 13.34
N THR B 103 -17.45 2.98 12.84
CA THR B 103 -17.65 1.54 12.74
C THR B 103 -16.89 1.02 11.53
N ILE B 104 -15.98 0.08 11.76
CA ILE B 104 -15.18 -0.50 10.68
C ILE B 104 -16.05 -1.54 9.96
N VAL B 105 -16.22 -1.40 8.65
CA VAL B 105 -17.05 -2.35 7.90
C VAL B 105 -16.17 -3.30 7.10
N LEU B 106 -16.29 -4.61 7.36
CA LEU B 106 -15.53 -5.64 6.62
C LEU B 106 -16.56 -6.37 5.74
N ASP B 107 -16.77 -5.94 4.50
CA ASP B 107 -15.99 -4.90 3.82
C ASP B 107 -16.93 -3.84 3.27
N PRO B 108 -16.37 -2.67 2.90
CA PRO B 108 -17.18 -1.54 2.45
C PRO B 108 -18.04 -1.88 1.26
N LEU B 109 -19.27 -1.39 1.30
CA LEU B 109 -20.23 -1.68 0.22
C LEU B 109 -19.79 -1.29 -1.18
N PRO B 110 -19.03 -0.17 -1.35
CA PRO B 110 -18.62 0.16 -2.73
C PRO B 110 -17.70 -0.92 -3.30
N ALA B 111 -16.79 -1.48 -2.49
CA ALA B 111 -16.00 -2.63 -2.92
C ALA B 111 -16.84 -3.86 -3.29
N ILE B 112 -17.83 -4.17 -2.44
CA ILE B 112 -18.76 -5.26 -2.70
C ILE B 112 -19.48 -5.06 -4.05
N ARG B 113 -19.93 -3.84 -4.32
CA ARG B 113 -20.55 -3.53 -5.62
C ARG B 113 -19.61 -3.72 -6.79
N THR B 114 -18.36 -3.30 -6.63
CA THR B 114 -17.37 -3.58 -7.69
C THR B 114 -17.21 -5.07 -7.96
N LEU B 115 -17.09 -5.86 -6.89
CA LEU B 115 -16.87 -7.30 -7.02
C LEU B 115 -18.11 -8.06 -7.52
N LEU B 116 -19.27 -7.41 -7.50
CA LEU B 116 -20.47 -7.98 -8.09
C LEU B 116 -20.54 -7.82 -9.61
N ASP B 117 -19.59 -7.10 -10.17
CA ASP B 117 -19.60 -6.76 -11.58
C ASP B 117 -18.28 -7.20 -12.22
N ARG B 118 -18.30 -8.23 -13.05
CA ARG B 118 -17.06 -8.74 -13.62
C ARG B 118 -16.41 -7.71 -14.53
N SER B 119 -17.20 -6.88 -15.20
CA SER B 119 -16.60 -5.86 -16.09
C SER B 119 -15.80 -4.85 -15.26
N LYS B 120 -16.43 -4.32 -14.23
CA LYS B 120 -15.73 -3.39 -13.32
C LYS B 120 -14.55 -4.06 -12.62
N SER B 121 -14.71 -5.30 -12.18
CA SER B 121 -13.63 -6.04 -11.52
C SER B 121 -12.48 -6.26 -12.47
N TYR B 122 -12.78 -6.70 -13.70
CA TYR B 122 -11.69 -7.00 -14.63
C TYR B 122 -10.98 -5.70 -15.02
N GLU B 123 -11.75 -4.62 -15.13
CA GLU B 123 -11.13 -3.32 -15.43
C GLU B 123 -10.18 -2.87 -14.32
N LEU B 124 -10.62 -3.06 -13.07
CA LEU B 124 -9.79 -2.69 -11.92
C LEU B 124 -8.51 -3.50 -11.95
N ILE B 125 -8.63 -4.80 -12.20
CA ILE B 125 -7.43 -5.66 -12.27
C ILE B 125 -6.48 -5.17 -13.34
N ARG B 126 -7.05 -4.87 -14.50
CA ARG B 126 -6.27 -4.40 -15.64
C ARG B 126 -5.52 -3.14 -15.25
N LYS B 127 -6.19 -2.21 -14.59
CA LYS B 127 -5.57 -0.92 -14.19
C LYS B 127 -4.46 -1.13 -13.16
N ILE B 128 -4.74 -2.00 -12.20
CA ILE B 128 -3.73 -2.35 -11.20
C ILE B 128 -2.50 -2.92 -11.89
N GLU B 129 -2.73 -3.88 -12.76
CA GLU B 129 -1.63 -4.45 -13.54
C GLU B 129 -0.83 -3.45 -14.37
N ALA B 130 -1.51 -2.50 -15.02
CA ALA B 130 -0.79 -1.46 -15.77
C ALA B 130 0.02 -0.58 -14.82
N TYR B 131 -0.48 -0.40 -13.60
CA TYR B 131 0.20 0.47 -12.61
C TYR B 131 1.46 -0.22 -12.13
N MET B 132 1.39 -1.53 -11.96
CA MET B 132 2.52 -2.32 -11.46
C MET B 132 3.55 -2.60 -12.50
N GLU B 133 3.10 -2.77 -13.77
CA GLU B 133 3.97 -3.15 -14.89
C GLU B 133 5.00 -4.25 -14.50
N ASP B 134 4.44 -5.37 -14.00
CA ASP B 134 5.22 -6.52 -13.57
C ASP B 134 5.18 -7.56 -14.69
N ASP B 135 6.32 -7.88 -15.27
CA ASP B 135 6.32 -8.81 -16.41
C ASP B 135 5.87 -10.25 -16.04
N ARG B 136 5.62 -10.49 -14.76
CA ARG B 136 5.14 -11.80 -14.35
C ARG B 136 3.63 -11.91 -14.44
N ILE B 137 2.97 -10.84 -14.87
CA ILE B 137 1.52 -10.80 -14.76
C ILE B 137 1.03 -10.42 -16.12
N CYS B 138 -0.01 -11.10 -16.58
CA CYS B 138 -0.68 -10.62 -17.76
CA CYS B 138 -0.69 -10.71 -17.81
C CYS B 138 -2.17 -10.43 -17.57
N SER B 139 -2.75 -9.51 -18.33
CA SER B 139 -4.19 -9.23 -18.23
C SER B 139 -4.77 -9.84 -19.49
N PRO B 140 -5.51 -10.98 -19.37
CA PRO B 140 -6.13 -11.53 -20.59
C PRO B 140 -7.04 -10.46 -21.11
N PRO B 141 -6.98 -10.17 -22.41
CA PRO B 141 -7.87 -9.23 -23.08
C PRO B 141 -9.29 -9.62 -22.72
N PHE B 142 -10.10 -8.62 -22.39
CA PHE B 142 -11.51 -8.85 -22.14
C PHE B 142 -12.30 -7.69 -22.70
N MET B 143 -13.61 -7.87 -22.80
CA MET B 143 -14.51 -6.73 -23.02
C MET B 143 -15.93 -7.09 -22.60
N GLU B 144 -16.70 -6.06 -22.31
CA GLU B 144 -18.09 -6.24 -21.96
C GLU B 144 -18.82 -6.23 -23.29
N LEU B 145 -19.70 -7.21 -23.48
CA LEU B 145 -20.63 -7.21 -24.60
C LEU B 145 -22.03 -6.88 -24.11
N THR B 146 -22.59 -5.81 -24.66
CA THR B 146 -23.89 -5.34 -24.20
C THR B 146 -24.93 -5.75 -25.23
N SER B 147 -24.45 -6.29 -26.33
CA SER B 147 -25.33 -6.66 -27.43
C SER B 147 -25.22 -8.12 -27.77
N LEU B 148 -26.17 -8.59 -28.60
CA LEU B 148 -26.18 -9.95 -29.13
C LEU B 148 -25.21 -10.04 -30.30
N CYS B 149 -24.85 -8.86 -30.83
CA CYS B 149 -24.39 -8.72 -32.22
C CYS B 149 -23.06 -9.38 -32.58
N THR B 153 -20.70 -7.56 -32.68
CA THR B 153 -19.67 -7.16 -33.63
C THR B 153 -18.33 -7.85 -33.36
N MET B 154 -17.86 -8.57 -34.37
CA MET B 154 -16.53 -9.17 -34.36
C MET B 154 -15.39 -8.18 -34.51
N ARG B 155 -15.63 -7.05 -35.18
CA ARG B 155 -14.63 -5.98 -35.21
C ARG B 155 -14.41 -5.44 -33.80
N LEU B 156 -15.49 -5.34 -33.02
CA LEU B 156 -15.37 -4.81 -31.67
C LEU B 156 -14.48 -5.75 -30.85
N LEU B 157 -14.71 -7.05 -30.94
CA LEU B 157 -13.87 -8.04 -30.23
C LEU B 157 -12.41 -7.95 -30.67
N GLU B 158 -12.21 -7.91 -31.98
CA GLU B 158 -10.86 -7.87 -32.53
C GLU B 158 -10.13 -6.61 -32.08
N LYS B 159 -10.85 -5.49 -32.05
CA LYS B 159 -10.29 -4.21 -31.63
C LYS B 159 -9.84 -4.22 -30.19
N ASN B 160 -10.50 -5.01 -29.36
CA ASN B 160 -10.13 -5.11 -27.96
C ASN B 160 -9.15 -6.25 -27.64
N GLY B 161 -8.59 -6.87 -28.68
CA GLY B 161 -7.62 -7.94 -28.53
C GLY B 161 -8.19 -9.33 -28.20
N LEU B 162 -9.50 -9.50 -28.31
CA LEU B 162 -10.13 -10.82 -28.06
C LEU B 162 -9.82 -11.74 -29.22
N THR B 163 -9.39 -12.95 -28.89
CA THR B 163 -9.10 -13.96 -29.89
C THR B 163 -9.80 -15.24 -29.44
N PHE B 164 -10.13 -16.09 -30.39
CA PHE B 164 -10.66 -17.41 -30.05
C PHE B 164 -9.53 -18.37 -29.62
N PRO B 165 -9.81 -19.29 -28.66
CA PRO B 165 -11.10 -19.40 -27.95
C PRO B 165 -11.20 -18.36 -26.85
N PHE B 166 -12.41 -18.01 -26.46
CA PHE B 166 -12.54 -17.15 -25.33
C PHE B 166 -13.67 -17.69 -24.50
N ILE B 167 -13.76 -17.18 -23.29
CA ILE B 167 -14.75 -17.63 -22.34
CA ILE B 167 -14.76 -17.62 -22.34
C ILE B 167 -15.73 -16.48 -22.14
N CYS B 168 -17.01 -16.81 -22.17
CA CYS B 168 -18.07 -15.85 -22.01
C CYS B 168 -18.70 -16.06 -20.64
N LYS B 169 -18.77 -14.99 -19.86
CA LYS B 169 -19.34 -15.06 -18.50
C LYS B 169 -20.38 -13.95 -18.34
N THR B 170 -21.32 -14.16 -17.41
CA THR B 170 -22.28 -13.07 -17.12
C THR B 170 -21.54 -11.86 -16.54
N ARG B 171 -22.02 -10.65 -16.84
CA ARG B 171 -21.45 -9.49 -16.19
C ARG B 171 -21.65 -9.55 -14.65
N VAL B 172 -22.84 -9.94 -14.19
CA VAL B 172 -23.10 -10.07 -12.74
CA VAL B 172 -23.09 -10.05 -12.75
C VAL B 172 -22.27 -11.22 -12.20
N ALA B 173 -21.53 -10.99 -11.11
CA ALA B 173 -20.56 -11.99 -10.66
C ALA B 173 -21.07 -12.94 -9.62
N HIS B 174 -22.34 -12.79 -9.25
CA HIS B 174 -22.91 -13.58 -8.19
C HIS B 174 -24.35 -13.92 -8.50
N GLY B 175 -24.83 -14.97 -7.86
CA GLY B 175 -26.23 -15.36 -7.91
C GLY B 175 -26.54 -16.27 -9.09
N THR B 176 -27.86 -16.37 -9.33
CA THR B 176 -28.46 -17.26 -10.32
C THR B 176 -27.88 -17.14 -11.73
N ASN B 177 -27.25 -18.22 -12.16
CA ASN B 177 -26.69 -18.33 -13.50
C ASN B 177 -25.39 -17.54 -13.73
N SER B 178 -24.87 -16.91 -12.67
CA SER B 178 -23.62 -16.19 -12.80
C SER B 178 -22.45 -17.14 -12.96
N HIS B 179 -22.70 -18.44 -12.74
CA HIS B 179 -21.61 -19.42 -12.90
C HIS B 179 -21.78 -20.29 -14.16
N GLU B 180 -22.81 -19.96 -14.93
CA GLU B 180 -23.02 -20.57 -16.24
C GLU B 180 -22.20 -19.79 -17.27
N MET B 181 -21.25 -20.50 -17.90
CA MET B 181 -20.31 -19.89 -18.83
C MET B 181 -20.21 -20.67 -20.10
N ALA B 182 -19.49 -20.11 -21.06
CA ALA B 182 -19.26 -20.84 -22.32
C ALA B 182 -17.84 -20.61 -22.82
N ILE B 183 -17.22 -21.67 -23.32
CA ILE B 183 -16.01 -21.59 -24.11
C ILE B 183 -16.43 -21.50 -25.57
N VAL B 184 -15.98 -20.46 -26.26
CA VAL B 184 -16.50 -20.18 -27.60
C VAL B 184 -15.32 -20.21 -28.59
N PHE B 185 -15.50 -20.90 -29.71
CA PHE B 185 -14.39 -21.12 -30.63
C PHE B 185 -14.53 -20.37 -31.95
N ASN B 186 -15.72 -19.83 -32.22
CA ASN B 186 -16.00 -19.13 -33.48
C ASN B 186 -17.15 -18.15 -33.32
N GLN B 187 -17.36 -17.28 -34.30
CA GLN B 187 -18.35 -16.23 -34.06
C GLN B 187 -19.79 -16.75 -33.95
N GLU B 188 -20.12 -17.81 -34.71
CA GLU B 188 -21.46 -18.40 -34.72
C GLU B 188 -21.77 -18.88 -33.30
N GLY B 189 -20.70 -19.28 -32.61
CA GLY B 189 -20.78 -19.78 -31.24
C GLY B 189 -21.22 -18.79 -30.19
N LEU B 190 -21.29 -17.53 -30.57
CA LEU B 190 -21.75 -16.46 -29.70
C LEU B 190 -23.25 -16.27 -29.82
N ASN B 191 -23.86 -16.90 -30.80
CA ASN B 191 -25.24 -16.55 -31.12
C ASN B 191 -26.28 -16.77 -30.00
N ALA B 192 -25.97 -17.62 -29.03
CA ALA B 192 -26.95 -17.86 -27.95
C ALA B 192 -26.50 -17.20 -26.64
N ILE B 193 -25.38 -16.49 -26.69
CA ILE B 193 -24.79 -15.80 -25.52
C ILE B 193 -25.55 -14.50 -25.30
N GLN B 194 -26.15 -14.38 -24.12
CA GLN B 194 -27.00 -13.23 -23.80
C GLN B 194 -26.21 -12.13 -23.12
N PRO B 195 -26.42 -10.88 -23.57
CA PRO B 195 -25.79 -9.77 -22.83
C PRO B 195 -26.54 -9.51 -21.51
N PRO B 196 -25.93 -8.77 -20.57
CA PRO B 196 -24.58 -8.24 -20.62
C PRO B 196 -23.64 -9.38 -20.23
N CYS B 197 -22.55 -9.54 -20.98
CA CYS B 197 -21.61 -10.59 -20.67
C CYS B 197 -20.21 -9.99 -20.74
N VAL B 198 -19.28 -10.65 -20.08
CA VAL B 198 -17.89 -10.32 -20.26
C VAL B 198 -17.28 -11.47 -21.00
N VAL B 199 -16.52 -11.15 -22.04
CA VAL B 199 -15.80 -12.17 -22.79
C VAL B 199 -14.32 -11.93 -22.44
N GLN B 200 -13.55 -13.02 -22.36
CA GLN B 200 -12.17 -12.96 -21.88
C GLN B 200 -11.42 -14.03 -22.62
N ASN B 201 -10.22 -13.71 -23.10
CA ASN B 201 -9.43 -14.71 -23.80
C ASN B 201 -9.19 -15.93 -22.94
N PHE B 202 -9.35 -17.10 -23.55
CA PHE B 202 -9.08 -18.37 -22.83
C PHE B 202 -7.57 -18.51 -22.71
N ILE B 203 -7.08 -18.79 -21.50
CA ILE B 203 -5.65 -18.96 -21.30
CA ILE B 203 -5.65 -18.95 -21.27
C ILE B 203 -5.42 -20.39 -20.91
N ASN B 204 -4.62 -21.08 -21.72
CA ASN B 204 -4.22 -22.46 -21.38
C ASN B 204 -3.36 -22.40 -20.14
N HIS B 205 -3.74 -23.21 -19.15
CA HIS B 205 -3.08 -23.14 -17.87
C HIS B 205 -2.94 -24.51 -17.20
N ASN B 206 -2.88 -25.54 -18.05
CA ASN B 206 -2.70 -26.89 -17.56
C ASN B 206 -3.66 -27.32 -16.48
N ALA B 207 -4.86 -26.75 -16.57
CA ALA B 207 -6.00 -27.23 -15.82
C ALA B 207 -5.77 -27.17 -14.31
N VAL B 208 -5.01 -26.18 -13.86
CA VAL B 208 -4.84 -26.01 -12.43
C VAL B 208 -5.22 -24.56 -12.09
N LEU B 209 -6.16 -24.41 -11.17
CA LEU B 209 -6.56 -23.09 -10.68
C LEU B 209 -5.91 -22.91 -9.32
N TYR B 210 -5.32 -21.73 -9.06
CA TYR B 210 -4.83 -21.45 -7.71
C TYR B 210 -5.75 -20.39 -7.08
N LYS B 211 -6.55 -20.82 -6.12
CA LYS B 211 -7.41 -19.91 -5.41
C LYS B 211 -6.59 -19.32 -4.32
N VAL B 212 -6.44 -18.01 -4.39
CA VAL B 212 -5.78 -17.28 -3.32
C VAL B 212 -6.90 -16.76 -2.39
N PHE B 213 -6.91 -17.23 -1.16
CA PHE B 213 -7.94 -16.85 -0.23
C PHE B 213 -7.28 -15.83 0.71
N VAL B 214 -7.73 -14.59 0.60
CA VAL B 214 -7.13 -13.48 1.39
C VAL B 214 -7.98 -13.16 2.60
N VAL B 215 -7.31 -13.03 3.75
CA VAL B 215 -7.94 -12.59 4.97
C VAL B 215 -7.01 -11.45 5.47
N GLY B 216 -7.31 -10.24 5.03
CA GLY B 216 -6.51 -9.07 5.34
C GLY B 216 -5.06 -9.29 5.02
N GLU B 217 -4.24 -9.26 6.06
CA GLU B 217 -2.80 -9.31 5.91
C GLU B 217 -2.20 -10.69 5.59
N SER B 218 -3.03 -11.73 5.51
CA SER B 218 -2.49 -13.05 5.15
C SER B 218 -3.32 -13.70 4.10
N TYR B 219 -2.79 -14.74 3.47
CA TYR B 219 -3.54 -15.48 2.47
C TYR B 219 -3.11 -16.92 2.47
N THR B 220 -3.92 -17.76 1.83
CA THR B 220 -3.65 -19.16 1.68
C THR B 220 -3.91 -19.47 0.24
N VAL B 221 -3.03 -20.26 -0.37
CA VAL B 221 -3.28 -20.64 -1.76
C VAL B 221 -3.80 -22.07 -1.76
N VAL B 222 -4.92 -22.30 -2.45
CA VAL B 222 -5.55 -23.65 -2.48
C VAL B 222 -5.68 -24.02 -3.95
N GLN B 223 -5.05 -25.13 -4.34
CA GLN B 223 -5.14 -25.63 -5.70
C GLN B 223 -6.50 -26.27 -5.96
N ARG B 224 -7.09 -26.00 -7.13
CA ARG B 224 -8.39 -26.58 -7.51
C ARG B 224 -8.32 -27.13 -8.93
N PRO B 225 -9.25 -28.05 -9.29
CA PRO B 225 -9.34 -28.40 -10.72
C PRO B 225 -9.75 -27.19 -11.55
N SER B 226 -9.44 -27.24 -12.83
CA SER B 226 -9.68 -26.12 -13.74
C SER B 226 -9.85 -26.64 -15.16
N LEU B 227 -10.34 -25.79 -16.06
CA LEU B 227 -10.53 -26.21 -17.46
C LEU B 227 -9.22 -26.66 -18.12
N LYS B 228 -9.29 -27.73 -18.92
CA LYS B 228 -8.14 -28.19 -19.72
C LYS B 228 -7.68 -27.19 -20.79
N ASN B 229 -6.56 -27.51 -21.45
CA ASN B 229 -6.06 -26.74 -22.56
C ASN B 229 -6.88 -26.98 -23.83
N PHE B 230 -7.03 -25.92 -24.61
CA PHE B 230 -7.60 -26.04 -25.95
C PHE B 230 -6.62 -25.44 -26.94
N SER B 231 -6.60 -25.93 -28.17
CA SER B 231 -5.80 -25.28 -29.24
C SER B 231 -6.11 -23.79 -29.32
N ALA B 232 -5.09 -22.98 -29.62
CA ALA B 232 -5.28 -21.57 -29.92
C ALA B 232 -6.00 -21.37 -31.22
N GLY B 233 -6.69 -20.23 -31.33
CA GLY B 233 -7.32 -19.78 -32.57
C GLY B 233 -8.73 -20.29 -32.75
N THR B 234 -9.37 -19.83 -33.79
CA THR B 234 -10.75 -20.20 -34.08
C THR B 234 -10.77 -21.64 -34.56
N SER B 235 -11.88 -22.33 -34.34
CA SER B 235 -12.11 -23.59 -35.04
C SER B 235 -13.62 -23.69 -35.22
N ASP B 236 -14.10 -24.72 -35.91
CA ASP B 236 -15.55 -24.83 -36.14
C ASP B 236 -16.27 -25.55 -34.98
N ARG B 237 -15.52 -25.82 -33.92
CA ARG B 237 -16.04 -26.53 -32.75
C ARG B 237 -17.20 -25.80 -32.08
N GLU B 238 -18.20 -26.55 -31.65
CA GLU B 238 -19.36 -25.95 -30.96
C GLU B 238 -18.93 -25.43 -29.61
N SER B 239 -19.60 -24.37 -29.18
CA SER B 239 -19.31 -23.80 -27.88
C SER B 239 -19.52 -24.83 -26.81
N ILE B 240 -18.74 -24.71 -25.75
CA ILE B 240 -18.90 -25.58 -24.59
C ILE B 240 -19.54 -24.78 -23.45
N PHE B 241 -20.76 -25.14 -23.08
CA PHE B 241 -21.50 -24.45 -22.00
C PHE B 241 -21.26 -25.25 -20.75
N PHE B 242 -20.86 -24.58 -19.69
CA PHE B 242 -20.51 -25.27 -18.48
C PHE B 242 -20.85 -24.44 -17.28
N ASN B 243 -20.91 -25.12 -16.15
CA ASN B 243 -21.11 -24.41 -14.89
C ASN B 243 -19.83 -24.48 -14.10
N SER B 244 -19.32 -23.31 -13.73
CA SER B 244 -18.00 -23.27 -13.09
C SER B 244 -17.98 -24.05 -11.76
N HIS B 245 -19.14 -24.22 -11.14
CA HIS B 245 -19.15 -25.00 -9.91
C HIS B 245 -19.06 -26.53 -10.12
N ASN B 246 -19.08 -26.96 -11.39
CA ASN B 246 -18.77 -28.34 -11.73
C ASN B 246 -17.30 -28.48 -12.14
N VAL B 247 -16.59 -27.36 -12.18
CA VAL B 247 -15.23 -27.33 -12.70
C VAL B 247 -14.13 -27.10 -11.64
N SER B 248 -14.35 -26.15 -10.73
CA SER B 248 -13.30 -25.68 -9.86
C SER B 248 -13.60 -25.77 -8.37
N LYS B 249 -14.60 -26.60 -8.02
CA LYS B 249 -14.87 -26.94 -6.62
C LYS B 249 -13.92 -28.06 -6.18
N PRO B 250 -13.75 -28.23 -4.85
CA PRO B 250 -12.73 -29.18 -4.37
C PRO B 250 -12.84 -30.61 -4.93
N SER B 252 -14.38 -31.28 -7.77
CA SER B 252 -14.88 -31.45 -9.14
C SER B 252 -14.03 -32.41 -9.92
N SER B 253 -14.69 -33.18 -10.77
CA SER B 253 -14.02 -33.97 -11.79
C SER B 253 -14.94 -34.16 -13.00
N SER B 254 -15.12 -33.10 -13.78
CA SER B 254 -15.73 -33.28 -15.09
C SER B 254 -14.60 -33.58 -16.06
N VAL B 255 -14.98 -34.09 -17.22
CA VAL B 255 -14.06 -34.34 -18.32
C VAL B 255 -13.42 -33.03 -18.84
N LEU B 256 -14.06 -31.89 -18.57
CA LEU B 256 -13.52 -30.59 -18.97
C LEU B 256 -12.27 -30.25 -18.17
N THR B 257 -12.08 -30.94 -17.07
CA THR B 257 -10.94 -30.65 -16.20
C THR B 257 -9.76 -31.57 -16.43
N GLU B 258 -9.90 -32.48 -17.41
CA GLU B 258 -8.89 -33.50 -17.73
C GLU B 258 -7.97 -33.10 -18.90
N LEU B 259 -6.65 -32.97 -18.70
CA LEU B 259 -5.73 -32.62 -19.83
C LEU B 259 -5.61 -33.57 -21.02
N ASP B 260 -5.64 -33.08 -22.26
CA ASP B 260 -5.42 -33.97 -23.43
C ASP B 260 -3.98 -34.38 -23.63
N LYS B 261 -3.07 -33.45 -23.32
CA LYS B 261 -1.62 -33.65 -23.50
C LYS B 261 -0.92 -32.94 -22.34
N ILE B 262 0.11 -33.61 -21.83
CA ILE B 262 0.92 -33.01 -20.76
C ILE B 262 2.08 -32.29 -21.42
N GLU B 263 2.13 -30.95 -21.25
CA GLU B 263 3.08 -30.09 -21.96
C GLU B 263 2.98 -28.66 -21.40
N GLY B 264 4.02 -27.84 -21.62
CA GLY B 264 4.10 -26.45 -21.17
C GLY B 264 4.56 -26.16 -19.72
N VAL B 265 4.23 -25.00 -19.22
CA VAL B 265 4.67 -24.51 -17.89
C VAL B 265 3.72 -25.01 -16.80
N PHE B 266 4.31 -25.64 -15.79
CA PHE B 266 3.53 -26.10 -14.63
C PHE B 266 4.22 -25.49 -13.44
N GLU B 267 3.63 -24.46 -12.87
CA GLU B 267 4.26 -23.80 -11.72
C GLU B 267 3.20 -23.35 -10.77
N ARG B 268 3.58 -23.22 -9.50
CA ARG B 268 2.71 -22.58 -8.51
C ARG B 268 2.92 -21.07 -8.59
N PRO B 269 1.94 -20.30 -8.12
CA PRO B 269 2.12 -18.85 -8.24
C PRO B 269 3.26 -18.32 -7.40
N SER B 270 3.82 -17.20 -7.85
CA SER B 270 4.84 -16.52 -7.07
C SER B 270 4.20 -15.81 -5.86
N ASP B 271 4.78 -16.02 -4.67
CA ASP B 271 4.29 -15.29 -3.50
C ASP B 271 4.55 -13.80 -3.55
N GLU B 272 5.64 -13.39 -4.18
CA GLU B 272 5.87 -11.98 -4.43
C GLU B 272 4.74 -11.34 -5.21
N VAL B 273 4.32 -12.03 -6.27
CA VAL B 273 3.26 -11.55 -7.14
C VAL B 273 1.94 -11.53 -6.38
N ILE B 274 1.65 -12.58 -5.60
CA ILE B 274 0.42 -12.60 -4.85
C ILE B 274 0.41 -11.47 -3.83
N ARG B 275 1.54 -11.28 -3.16
CA ARG B 275 1.61 -10.19 -2.16
C ARG B 275 1.37 -8.83 -2.75
N GLU B 276 1.93 -8.53 -3.91
CA GLU B 276 1.70 -7.21 -4.49
C GLU B 276 0.25 -7.06 -4.98
N LEU B 277 -0.30 -8.14 -5.56
CA LEU B 277 -1.73 -8.13 -5.96
C LEU B 277 -2.66 -7.96 -4.76
N SER B 278 -2.40 -8.70 -3.69
CA SER B 278 -3.23 -8.60 -2.48
C SER B 278 -3.19 -7.18 -1.94
N ARG B 279 -1.99 -6.62 -1.80
CA ARG B 279 -1.85 -5.25 -1.27
C ARG B 279 -2.59 -4.28 -2.14
N ALA B 280 -2.41 -4.39 -3.46
CA ALA B 280 -2.97 -3.37 -4.36
C ALA B 280 -4.49 -3.47 -4.34
N LEU B 281 -5.05 -4.68 -4.29
CA LEU B 281 -6.51 -4.80 -4.24
C LEU B 281 -7.06 -4.30 -2.90
N ARG B 282 -6.43 -4.71 -1.82
CA ARG B 282 -6.87 -4.24 -0.50
C ARG B 282 -6.75 -2.71 -0.42
N GLN B 283 -5.65 -2.14 -0.91
CA GLN B 283 -5.45 -0.69 -0.79
C GLN B 283 -6.37 0.11 -1.69
N ALA B 284 -6.60 -0.39 -2.90
CA ALA B 284 -7.40 0.36 -3.89
C ALA B 284 -8.90 0.22 -3.62
N LEU B 285 -9.31 -0.96 -3.20
CA LEU B 285 -10.77 -1.25 -2.98
C LEU B 285 -11.22 -1.15 -1.55
N GLY B 286 -10.30 -1.31 -0.62
CA GLY B 286 -10.62 -1.31 0.79
C GLY B 286 -11.19 -2.66 1.20
N VAL B 287 -10.95 -3.69 0.39
CA VAL B 287 -11.41 -5.06 0.73
C VAL B 287 -10.43 -5.74 1.67
N SER B 288 -10.88 -6.80 2.35
CA SER B 288 -10.00 -7.61 3.21
C SER B 288 -10.32 -9.10 3.16
N LEU B 289 -11.61 -9.44 2.96
CA LEU B 289 -12.06 -10.82 2.91
C LEU B 289 -12.50 -11.11 1.47
N PHE B 290 -11.58 -11.69 0.68
CA PHE B 290 -11.83 -11.88 -0.73
C PHE B 290 -10.92 -12.96 -1.25
N GLY B 291 -11.22 -13.40 -2.47
CA GLY B 291 -10.40 -14.39 -3.13
C GLY B 291 -10.00 -13.85 -4.48
N ILE B 292 -8.83 -14.27 -4.94
CA ILE B 292 -8.35 -14.01 -6.28
C ILE B 292 -8.10 -15.38 -6.89
N ASP B 293 -8.63 -15.62 -8.08
CA ASP B 293 -8.41 -16.89 -8.80
C ASP B 293 -7.27 -16.62 -9.78
N ILE B 294 -6.15 -17.30 -9.58
CA ILE B 294 -4.99 -17.14 -10.43
C ILE B 294 -4.72 -18.40 -11.25
N ILE B 295 -4.43 -18.20 -12.54
CA ILE B 295 -4.01 -19.33 -13.37
C ILE B 295 -2.67 -18.96 -14.00
N ILE B 296 -1.86 -19.94 -14.35
CA ILE B 296 -0.52 -19.69 -14.84
C ILE B 296 -0.55 -20.03 -16.33
N ASN B 297 -0.28 -19.02 -17.13
CA ASN B 297 -0.23 -19.21 -18.56
C ASN B 297 0.79 -20.29 -18.94
N ASN B 298 0.37 -21.34 -19.63
CA ASN B 298 1.24 -22.50 -19.84
C ASN B 298 2.31 -22.32 -20.92
N GLN B 299 2.32 -21.17 -21.57
CA GLN B 299 3.39 -20.88 -22.49
C GLN B 299 4.37 -19.92 -21.86
N THR B 300 3.85 -18.82 -21.29
CA THR B 300 4.68 -17.73 -20.77
C THR B 300 5.07 -17.90 -19.32
N GLY B 301 4.29 -18.67 -18.56
CA GLY B 301 4.44 -18.73 -17.08
C GLY B 301 3.90 -17.52 -16.33
N GLN B 302 3.31 -16.56 -17.06
CA GLN B 302 2.77 -15.38 -16.41
C GLN B 302 1.49 -15.72 -15.65
N HIS B 303 1.22 -14.91 -14.63
CA HIS B 303 0.04 -15.04 -13.78
C HIS B 303 -1.13 -14.28 -14.39
N ALA B 304 -2.31 -14.90 -14.40
CA ALA B 304 -3.49 -14.21 -14.88
C ALA B 304 -4.49 -14.30 -13.77
N VAL B 305 -5.01 -13.15 -13.37
CA VAL B 305 -6.13 -13.12 -12.46
C VAL B 305 -7.46 -13.21 -13.25
N ILE B 306 -8.21 -14.27 -13.06
CA ILE B 306 -9.40 -14.47 -13.91
C ILE B 306 -10.72 -14.20 -13.16
N ASP B 307 -10.68 -13.98 -11.83
CA ASP B 307 -11.91 -13.91 -11.01
C ASP B 307 -11.45 -13.28 -9.70
N ILE B 308 -12.25 -12.38 -9.17
CA ILE B 308 -11.97 -11.85 -7.80
C ILE B 308 -13.33 -11.91 -7.11
N ASN B 309 -13.40 -12.44 -5.90
CA ASN B 309 -14.69 -12.78 -5.24
C ASN B 309 -14.73 -12.17 -3.86
N ALA B 310 -15.87 -11.59 -3.48
CA ALA B 310 -16.02 -11.13 -2.08
C ALA B 310 -16.29 -12.30 -1.15
N PHE B 311 -15.60 -12.30 -0.01
CA PHE B 311 -15.87 -13.21 1.11
C PHE B 311 -16.24 -14.62 0.63
N PRO B 312 -15.28 -15.31 -0.01
CA PRO B 312 -15.52 -16.63 -0.56
C PRO B 312 -15.71 -17.70 0.53
N GLY B 313 -15.64 -18.97 0.16
CA GLY B 313 -15.94 -20.08 1.09
C GLY B 313 -14.78 -20.50 1.96
N TYR B 314 -13.56 -20.20 1.50
CA TYR B 314 -12.35 -20.51 2.23
C TYR B 314 -12.17 -22.02 2.40
N GLU B 315 -12.74 -22.81 1.49
CA GLU B 315 -12.59 -24.29 1.58
C GLU B 315 -11.14 -24.64 1.30
N GLY B 316 -10.50 -25.33 2.25
CA GLY B 316 -9.10 -25.70 2.07
C GLY B 316 -8.18 -24.77 2.85
N VAL B 317 -8.75 -23.74 3.47
CA VAL B 317 -7.98 -22.82 4.32
C VAL B 317 -7.97 -23.25 5.78
N SER B 318 -6.77 -23.42 6.33
CA SER B 318 -6.56 -23.51 7.78
C SER B 318 -6.34 -22.11 8.36
N GLU B 319 -6.47 -21.97 9.67
CA GLU B 319 -6.14 -20.69 10.30
C GLU B 319 -7.10 -19.57 9.98
N PHE B 320 -8.26 -19.86 9.38
CA PHE B 320 -9.19 -18.79 9.00
C PHE B 320 -9.58 -17.95 10.20
N PHE B 321 -9.97 -18.60 11.29
CA PHE B 321 -10.34 -17.89 12.52
C PHE B 321 -9.21 -17.05 13.08
N THR B 322 -8.02 -17.60 13.13
CA THR B 322 -6.87 -16.84 13.58
C THR B 322 -6.60 -15.65 12.68
N ASP B 323 -6.57 -15.87 11.37
CA ASP B 323 -6.32 -14.76 10.41
C ASP B 323 -7.39 -13.67 10.51
N LEU B 324 -8.64 -14.09 10.66
CA LEU B 324 -9.74 -13.14 10.82
C LEU B 324 -9.61 -12.33 12.09
N LEU B 325 -9.35 -13.01 13.20
CA LEU B 325 -9.22 -12.31 14.46
C LEU B 325 -8.04 -11.33 14.44
N ASN B 326 -6.93 -11.79 13.88
CA ASN B 326 -5.77 -10.95 13.67
C ASN B 326 -6.08 -9.77 12.79
N HIS B 327 -6.92 -9.99 11.77
CA HIS B 327 -7.26 -8.83 10.92
C HIS B 327 -8.10 -7.82 11.70
N ILE B 328 -9.02 -8.34 12.51
CA ILE B 328 -9.88 -7.45 13.32
C ILE B 328 -9.00 -6.64 14.26
N ALA B 329 -8.03 -7.30 14.87
CA ALA B 329 -7.11 -6.62 15.76
C ALA B 329 -6.33 -5.51 15.03
N THR B 330 -5.89 -5.83 13.81
CA THR B 330 -5.11 -4.89 13.01
C THR B 330 -5.94 -3.69 12.61
N VAL B 331 -7.17 -3.90 12.15
CA VAL B 331 -8.02 -2.75 11.76
C VAL B 331 -8.36 -1.90 12.97
N LEU B 332 -8.60 -2.51 14.13
CA LEU B 332 -8.88 -1.72 15.35
C LEU B 332 -7.68 -0.91 15.75
N GLN B 333 -6.51 -1.53 15.63
CA GLN B 333 -5.29 -0.83 15.93
C GLN B 333 -5.03 0.30 14.92
N GLY B 334 -5.20 -0.01 13.64
CA GLY B 334 -5.14 0.99 12.56
C GLY B 334 -6.05 2.18 12.82
N GLN B 335 -7.25 1.93 13.31
CA GLN B 335 -8.17 3.03 13.59
C GLN B 335 -7.70 3.87 14.78
N SER B 336 -7.34 3.20 15.87
CA SER B 336 -6.95 3.83 17.13
C SER B 336 -5.77 4.76 16.93
N THR B 337 -4.92 4.37 16.00
CA THR B 337 -3.61 4.95 15.87
C THR B 337 -3.55 5.79 14.56
N ALA B 338 -4.69 5.94 13.91
CA ALA B 338 -4.90 6.79 12.74
C ALA B 338 -3.97 6.43 11.57
N MET B 339 -4.03 5.17 11.19
CA MET B 339 -3.18 4.66 10.12
C MET B 339 -3.84 4.85 8.74
N ALA B 340 -4.54 5.96 8.51
CA ALA B 340 -5.25 6.18 7.22
C ALA B 340 -4.24 6.22 6.06
N ALA B 341 -4.59 5.58 4.96
CA ALA B 341 -3.84 5.73 3.71
C ALA B 341 -4.14 7.10 3.12
N THR B 342 -3.13 7.68 2.50
CA THR B 342 -3.31 8.88 1.76
C THR B 342 -2.68 8.78 0.39
N GLY B 343 -3.21 9.62 -0.52
CA GLY B 343 -2.80 9.66 -1.92
C GLY B 343 -3.13 8.38 -2.65
N ASP B 344 -2.29 8.03 -3.62
CA ASP B 344 -2.54 6.88 -4.44
C ASP B 344 -1.96 5.66 -3.77
N VAL B 345 -2.32 4.50 -4.28
CA VAL B 345 -1.76 3.23 -3.79
C VAL B 345 -0.24 3.22 -3.95
N ALA B 346 0.44 2.94 -2.84
CA ALA B 346 1.88 2.96 -2.83
C ALA B 346 2.37 1.54 -3.08
N LEU B 347 2.99 1.34 -4.23
CA LEU B 347 3.45 0.00 -4.64
C LEU B 347 4.76 -0.34 -3.96
S SO4 C . 22.71 13.34 1.45
O1 SO4 C . 23.34 12.78 2.67
O2 SO4 C . 21.29 13.10 1.53
O3 SO4 C . 23.01 14.76 1.41
O4 SO4 C . 23.28 12.68 0.26
S SO4 D . 23.38 23.26 11.16
O1 SO4 D . 24.76 22.81 10.89
O2 SO4 D . 22.85 22.65 12.35
O3 SO4 D . 23.37 24.72 11.40
O4 SO4 D . 22.61 22.93 9.97
S SO4 E . 18.64 20.67 1.09
O1 SO4 E . 19.75 20.44 1.99
O2 SO4 E . 17.52 21.19 1.85
O3 SO4 E . 19.05 21.71 0.14
O4 SO4 E . 18.23 19.44 0.43
S SO4 F . 16.45 -9.79 2.53
O1 SO4 F . 17.51 -8.76 2.30
O2 SO4 F . 16.23 -10.07 3.96
O3 SO4 F . 15.15 -9.38 1.98
O4 SO4 F . 16.88 -11.06 1.95
S SO4 G . 20.27 14.27 7.02
O1 SO4 G . 21.49 14.85 7.66
O2 SO4 G . 19.04 14.88 7.52
O3 SO4 G . 20.33 14.57 5.57
O4 SO4 G . 20.30 12.82 7.22
MN MN H . 17.59 14.50 9.08
MN MN I . 20.26 11.76 9.17
PB ADP J . 20.24 14.53 10.94
O1B ADP J . 20.89 13.77 9.84
O2B ADP J . 20.99 15.76 11.42
O3B ADP J . 18.83 15.03 10.78
PA ADP J . 20.16 12.02 12.50
O1A ADP J . 20.38 11.31 11.20
O2A ADP J . 18.98 11.76 13.39
O3A ADP J . 20.24 13.60 12.26
O5' ADP J . 21.52 11.83 13.40
C5' ADP J . 22.81 12.15 12.89
C4' ADP J . 23.72 10.91 13.05
O4' ADP J . 23.76 10.52 14.45
C3' ADP J . 23.19 9.67 12.32
O3' ADP J . 23.69 9.67 10.95
C2' ADP J . 23.78 8.56 13.16
O2' ADP J . 25.20 8.49 12.85
C1' ADP J . 23.73 9.11 14.55
N9 ADP J . 22.49 8.79 15.28
C8 ADP J . 21.33 9.47 15.26
N7 ADP J . 20.46 8.88 16.10
C5 ADP J . 21.08 7.83 16.70
C6 ADP J . 20.74 6.81 17.72
N6 ADP J . 19.49 6.80 18.26
N1 ADP J . 21.69 5.89 18.07
C2 ADP J . 22.91 5.91 17.47
N3 ADP J . 23.28 6.83 16.56
C4 ADP J . 22.44 7.79 16.16
S SO4 K . -14.87 -21.78 -2.32
O1 SO4 K . -14.10 -22.53 -1.34
O2 SO4 K . -16.33 -22.00 -2.13
O3 SO4 K . -14.63 -20.30 -2.18
O4 SO4 K . -14.41 -22.28 -3.62
S SO4 L . 7.36 -7.89 -0.61
O1 SO4 L . 8.11 -8.66 0.36
O2 SO4 L . 5.93 -8.14 -0.37
O3 SO4 L . 7.80 -6.50 -0.50
O4 SO4 L . 7.88 -8.46 -1.83
S SO4 M . -25.38 -20.65 -10.76
O1 SO4 M . -25.27 -19.73 -9.62
O2 SO4 M . -26.82 -20.93 -10.97
O3 SO4 M . -24.89 -19.99 -11.96
O4 SO4 M . -24.65 -21.90 -10.50
S SO4 N . 8.11 -16.55 -4.68
O1 SO4 N . 9.28 -17.12 -4.01
O2 SO4 N . 7.84 -15.27 -4.02
O3 SO4 N . 8.47 -16.20 -6.05
O4 SO4 N . 7.02 -17.56 -4.56
S SO4 O . -16.11 -18.62 -7.31
O1 SO4 O . -14.69 -18.84 -7.72
O2 SO4 O . -16.26 -18.88 -5.88
O3 SO4 O . -16.61 -17.29 -7.52
O4 SO4 O . -16.91 -19.62 -8.05
S SO4 P . -21.85 -17.32 -0.38
O1 SO4 P . -20.42 -17.16 -0.04
O2 SO4 P . -22.61 -17.89 0.74
O3 SO4 P . -22.44 -16.04 -0.77
O4 SO4 P . -21.88 -18.25 -1.52
S SO4 Q . -2.78 -27.03 -2.38
O1 SO4 Q . -2.07 -26.98 -1.10
O2 SO4 Q . -4.20 -27.27 -2.11
O3 SO4 Q . -2.67 -25.74 -3.07
O4 SO4 Q . -2.16 -28.07 -3.21
MN MN R . -13.78 -18.50 -9.74
MN MN S . -16.29 -15.70 -9.03
PB ADP T . -16.67 -18.06 -11.09
O1B ADP T . -15.73 -18.89 -10.21
O2B ADP T . -17.94 -18.74 -11.59
O3B ADP T . -17.02 -16.64 -10.64
PA ADP T . -14.36 -17.84 -12.94
O1A ADP T . -13.55 -18.25 -11.70
O2A ADP T . -14.06 -16.61 -13.74
O3A ADP T . -15.92 -17.82 -12.49
O5' ADP T . -14.34 -18.99 -14.06
C5' ADP T . -14.72 -20.32 -13.70
C4' ADP T . -13.67 -21.31 -14.19
O4' ADP T . -13.37 -21.11 -15.59
C3' ADP T . -12.33 -21.04 -13.53
O3' ADP T . -12.22 -21.67 -12.26
C2' ADP T . -11.32 -21.55 -14.54
O2' ADP T . -11.32 -22.97 -14.52
C1' ADP T . -12.00 -21.25 -15.84
N9 ADP T . -11.63 -19.95 -16.44
C8 ADP T . -12.20 -18.77 -16.21
N7 ADP T . -11.61 -17.79 -16.94
C5 ADP T . -10.66 -18.39 -17.69
C6 ADP T . -9.73 -17.96 -18.71
N6 ADP T . -9.73 -16.66 -19.06
N1 ADP T . -8.92 -18.89 -19.27
C2 ADP T . -9.00 -20.21 -18.92
N3 ADP T . -9.85 -20.68 -17.99
C4 ADP T . -10.70 -19.83 -17.37
#